data_4BA1
#
_entry.id   4BA1
#
_cell.length_a   135.070
_cell.length_b   135.070
_cell.length_c   135.070
_cell.angle_alpha   90.00
_cell.angle_beta   90.00
_cell.angle_gamma   90.00
#
_symmetry.space_group_name_H-M   'P 21 3'
#
loop_
_entity.id
_entity.type
_entity.pdbx_description
1 polymer 'PROBABLE EXOSOME COMPLEX EXONUCLEASE 2'
2 polymer 'PROBABLE EXOSOME COMPLEX EXONUCLEASE 1'
3 polymer 'PROBABLE EXOSOME COMPLEX RNA-BINDING PROTEIN 1'
4 non-polymer 'PENTAETHYLENE GLYCOL'
5 non-polymer DI(HYDROXYETHYL)ETHER
6 non-polymer 'PHOSPHATE ION'
7 non-polymer 'SODIUM ION'
8 water water
#
loop_
_entity_poly.entity_id
_entity_poly.type
_entity_poly.pdbx_seq_one_letter_code
_entity_poly.pdbx_strand_id
1 'polypeptide(L)'
;GHMSSTPSNQNIIPIIKKESIVSLFEKGIRQDGRKLTDYRPLSITLDYAKKADGSALVKLGTTMVLAGTKLEIDKPYEDT
PNQGNLIVNVELLPLAYETFEPGPPDENAIELARVVDRSLRDSKALDLTKLVIEPGKSVWTVWLDVYVLDYGGNVLDACT
LASVAALYNTKVYKVEQHSNGISVNKNEVVGKLPLNYPVVTISVAKVDKYLVVDPDLDEESIMDAKISFSYTPDLKIVGI
QKSGKGSMSLQDIDQAENTARSTAVKLLEELKKHLGI
;
A
2 'polypeptide(L)'
;GHMREMLQVERPKLILDDGKRTDGRKPDELRSIKIELGVLKNADGSAIFEMGNTKAIAAVYGPKEMHPRHLSLPDRAVLR
VRYHMTPFSTDERKNPAPSRREIELSKVIREALESAVLVELFPRTAIDVFTEILQADAGSRLVSLMAASLALADAGIPMR
DLIAGVAVGKADGVIILDLNETEAMWGEADMPIAMMPSLNQVTLFQLNGSMTPDEFRQAFDLAVKGINIIYNLEREALKS
KYVEFKEEGV
;
B
3 'polypeptide(L)'
;GHMNMSQSQEIVLQPRSIVVPGELLAEGEFQIPWSPYILKINSKYYSTVVGLFDVKDTQFEVIPLEGSFYYPKINDIVIG
LVEDVEIYGWVVDIKAPYKAYLPASNLLGRSINVGEDLRRYLDVGDYVIARIENFDRSIDPVLSVKGKDLGRVSNGIVID
IMPVKVPRVIGKNKSMYETLTSKSGCSIFVANNGRIWATCPSRFSEEILIEAIRKIENESHIKGLTDRIKQFIEEKLGER
NASSGETKTNS
;
I
#
loop_
_chem_comp.id
_chem_comp.type
_chem_comp.name
_chem_comp.formula
1PE non-polymer 'PENTAETHYLENE GLYCOL' 'C10 H22 O6'
NA non-polymer 'SODIUM ION' 'Na 1'
PEG non-polymer DI(HYDROXYETHYL)ETHER 'C4 H10 O3'
PO4 non-polymer 'PHOSPHATE ION' 'O4 P -3'
#
# COMPACT_ATOMS: atom_id res chain seq x y z
N GLY A 1 -13.14 13.61 14.22
CA GLY A 1 -12.20 14.30 13.27
C GLY A 1 -10.99 13.42 12.99
N HIS A 2 -10.30 13.70 11.87
CA HIS A 2 -9.24 12.81 11.32
C HIS A 2 -8.43 13.47 10.21
N MET A 3 -7.18 13.04 9.98
CA MET A 3 -6.41 13.50 8.81
C MET A 3 -5.38 12.54 8.25
N SER A 4 -5.03 12.74 6.99
CA SER A 4 -4.09 11.88 6.28
C SER A 4 -2.67 12.44 6.40
N SER A 5 -1.76 11.62 6.90
CA SER A 5 -0.36 11.99 7.09
C SER A 5 0.58 11.13 6.26
N THR A 6 1.66 11.73 5.84
CA THR A 6 2.74 11.04 5.17
C THR A 6 3.20 9.95 6.11
N PRO A 7 3.21 8.69 5.64
CA PRO A 7 3.64 7.59 6.52
C PRO A 7 5.14 7.63 6.79
N ASN A 9 7.18 4.83 6.33
CA ASN A 9 7.84 4.00 5.32
C ASN A 9 8.01 2.57 5.79
N ASN A 11 9.13 -0.39 5.34
CA ASN A 11 10.03 -1.14 4.46
C ASN A 11 11.14 -0.24 3.87
N ILE A 12 11.95 0.32 4.76
CA ILE A 12 13.18 1.04 4.41
C ILE A 12 14.12 0.13 3.60
N ILE A 13 14.21 0.35 2.29
CA ILE A 13 14.94 -0.57 1.40
C ILE A 13 16.40 -0.13 1.12
N PRO A 14 17.36 -1.06 1.25
CA PRO A 14 18.76 -0.68 1.00
C PRO A 14 19.01 -0.22 -0.44
N ILE A 15 19.88 0.80 -0.56
CA ILE A 15 20.34 1.36 -1.84
C ILE A 15 20.76 0.27 -2.82
N ILE A 16 21.46 -0.74 -2.31
CA ILE A 16 22.01 -1.84 -3.09
C ILE A 16 20.92 -2.72 -3.69
N LYS A 17 19.92 -3.02 -2.86
CA LYS A 17 18.82 -3.88 -3.24
C LYS A 17 18.00 -3.34 -4.42
N LYS A 18 17.79 -2.04 -4.49
CA LYS A 18 17.02 -1.43 -5.61
C LYS A 18 17.63 -1.78 -7.00
N GLU A 19 18.95 -1.75 -7.08
CA GLU A 19 19.61 -1.89 -8.37
C GLU A 19 19.37 -3.30 -8.89
N SER A 20 19.46 -4.24 -7.92
CA SER A 20 19.29 -5.65 -8.21
C SER A 20 17.87 -5.97 -8.69
N ILE A 21 16.91 -5.27 -8.11
CA ILE A 21 15.47 -5.44 -8.44
C ILE A 21 15.20 -5.05 -9.90
N VAL A 22 15.98 -4.10 -10.43
CA VAL A 22 15.69 -3.60 -11.76
C VAL A 22 16.71 -4.08 -12.77
N SER A 23 17.71 -4.83 -12.31
CA SER A 23 18.82 -5.25 -13.11
C SER A 23 18.41 -6.04 -14.34
N LEU A 24 17.24 -6.69 -14.32
CA LEU A 24 16.79 -7.55 -15.43
C LEU A 24 15.60 -6.98 -16.19
N PHE A 25 15.15 -5.79 -15.79
CA PHE A 25 13.99 -5.18 -16.44
C PHE A 25 14.31 -4.96 -17.91
N GLU A 26 15.50 -4.47 -18.21
CA GLU A 26 15.99 -4.38 -19.60
C GLU A 26 15.70 -5.62 -20.45
N LYS A 27 15.85 -6.81 -19.88
CA LYS A 27 15.50 -8.05 -20.60
C LYS A 27 14.02 -8.45 -20.52
N GLY A 28 13.21 -7.58 -19.95
CA GLY A 28 11.79 -7.84 -19.85
C GLY A 28 11.42 -8.78 -18.72
N ILE A 29 12.35 -9.01 -17.78
CA ILE A 29 12.05 -9.87 -16.63
C ILE A 29 12.50 -9.31 -15.24
N ARG A 30 11.83 -9.78 -14.18
CA ARG A 30 12.14 -9.32 -12.80
C ARG A 30 12.94 -10.36 -11.99
N GLN A 31 13.18 -10.08 -10.70
CA GLN A 31 13.90 -11.05 -9.82
C GLN A 31 13.33 -12.44 -10.07
N ASP A 32 12.05 -12.61 -9.74
CA ASP A 32 11.41 -13.92 -9.76
C ASP A 32 11.28 -14.62 -11.14
N GLY A 33 12.00 -14.15 -12.18
CA GLY A 33 11.89 -14.71 -13.54
C GLY A 33 10.64 -14.28 -14.33
N ARG A 34 9.74 -13.54 -13.73
CA ARG A 34 8.52 -13.25 -14.49
C ARG A 34 8.66 -12.02 -15.41
N LYS A 35 7.82 -12.04 -16.44
CA LYS A 35 7.81 -11.00 -17.44
C LYS A 35 7.19 -9.74 -16.81
N LEU A 36 7.48 -8.56 -17.37
CA LEU A 36 6.94 -7.29 -16.82
C LEU A 36 5.45 -7.26 -16.79
N THR A 37 4.84 -8.03 -17.69
CA THR A 37 3.40 -8.10 -17.83
C THR A 37 2.77 -9.31 -17.18
N ASP A 38 3.55 -10.13 -16.46
CA ASP A 38 3.00 -11.32 -15.85
C ASP A 38 2.53 -11.03 -14.40
N TYR A 39 1.37 -11.59 -14.04
CA TYR A 39 0.99 -11.84 -12.65
C TYR A 39 1.83 -12.93 -12.06
N ARG A 40 1.90 -12.89 -10.73
CA ARG A 40 2.48 -13.97 -9.98
C ARG A 40 1.52 -15.17 -10.02
N PRO A 41 2.01 -16.34 -9.62
CA PRO A 41 1.19 -17.55 -9.54
C PRO A 41 -0.08 -17.32 -8.71
N LEU A 42 -1.23 -17.72 -9.22
CA LEU A 42 -2.50 -17.43 -8.56
C LEU A 42 -3.17 -18.71 -8.23
N SER A 43 -3.68 -18.80 -7.02
CA SER A 43 -4.44 -19.89 -6.52
C SER A 43 -5.74 -19.28 -5.97
N ILE A 44 -6.88 -19.86 -6.29
CA ILE A 44 -8.16 -19.43 -5.74
C ILE A 44 -8.88 -20.66 -5.18
N THR A 45 -9.10 -20.68 -3.86
CA THR A 45 -9.78 -21.78 -3.21
C THR A 45 -11.17 -21.32 -2.76
N LEU A 46 -12.19 -21.82 -3.41
CA LEU A 46 -13.54 -21.47 -3.16
C LEU A 46 -14.01 -22.24 -1.94
N ASP A 47 -15.02 -21.68 -1.32
CA ASP A 47 -15.65 -22.24 -0.14
CA ASP A 47 -15.65 -22.24 -0.14
C ASP A 47 -14.67 -22.55 1.02
N TYR A 48 -13.64 -21.71 1.16
CA TYR A 48 -12.62 -21.96 2.15
C TYR A 48 -13.21 -21.72 3.59
N ALA A 49 -14.05 -20.71 3.74
CA ALA A 49 -14.58 -20.28 5.07
C ALA A 49 -15.95 -20.87 5.15
N LYS A 50 -16.02 -22.00 5.82
CA LYS A 50 -17.19 -22.88 5.69
C LYS A 50 -18.48 -22.31 6.25
N LYS A 51 -18.44 -21.28 7.08
CA LYS A 51 -19.67 -20.66 7.60
C LYS A 51 -20.06 -19.38 6.85
N ALA A 52 -19.20 -18.94 5.94
CA ALA A 52 -19.54 -17.89 4.99
C ALA A 52 -20.55 -18.39 3.97
N ASP A 53 -21.39 -17.49 3.47
CA ASP A 53 -22.40 -17.84 2.44
C ASP A 53 -21.68 -18.14 1.13
N GLY A 54 -20.61 -17.42 0.90
CA GLY A 54 -19.60 -17.77 -0.08
C GLY A 54 -18.24 -17.24 0.34
N SER A 55 -17.18 -17.85 -0.14
CA SER A 55 -15.90 -17.38 0.18
C SER A 55 -14.85 -17.76 -0.85
N ALA A 56 -13.73 -17.06 -0.79
CA ALA A 56 -12.56 -17.42 -1.59
C ALA A 56 -11.28 -16.99 -0.90
N LEU A 57 -10.34 -17.94 -0.85
CA LEU A 57 -8.97 -17.69 -0.41
C LEU A 57 -8.14 -17.52 -1.66
N VAL A 58 -7.58 -16.35 -1.82
CA VAL A 58 -6.76 -16.05 -2.98
C VAL A 58 -5.31 -15.97 -2.53
N LYS A 59 -4.43 -16.67 -3.24
CA LYS A 59 -3.01 -16.55 -3.06
C LYS A 59 -2.45 -16.05 -4.37
N LEU A 60 -1.81 -14.90 -4.30
CA LEU A 60 -1.20 -14.20 -5.45
C LEU A 60 0.25 -13.96 -5.03
N GLY A 61 1.15 -14.80 -5.48
CA GLY A 61 2.47 -14.84 -4.92
C GLY A 61 2.35 -15.05 -3.44
N THR A 62 3.02 -14.21 -2.65
CA THR A 62 2.94 -14.32 -1.19
C THR A 62 1.82 -13.46 -0.57
N THR A 63 1.00 -12.81 -1.40
CA THR A 63 -0.18 -12.10 -0.91
C THR A 63 -1.30 -13.10 -0.71
N MET A 64 -1.97 -13.03 0.44
CA MET A 64 -3.06 -13.92 0.72
C MET A 64 -4.25 -13.15 1.26
N VAL A 65 -5.42 -13.34 0.64
CA VAL A 65 -6.64 -12.63 0.98
C VAL A 65 -7.78 -13.61 1.08
N LEU A 66 -8.54 -13.53 2.14
CA LEU A 66 -9.73 -14.34 2.31
C LEU A 66 -10.93 -13.39 2.29
N ALA A 67 -11.79 -13.57 1.31
CA ALA A 67 -13.07 -12.88 1.24
C ALA A 67 -14.22 -13.77 1.57
N GLY A 68 -15.17 -13.24 2.32
CA GLY A 68 -16.36 -13.98 2.67
C GLY A 68 -17.57 -13.13 2.60
N THR A 69 -18.70 -13.76 2.27
CA THR A 69 -19.98 -13.07 2.25
C THR A 69 -20.95 -13.63 3.28
N LYS A 70 -21.85 -12.77 3.74
CA LYS A 70 -23.01 -13.20 4.50
C LYS A 70 -24.15 -12.36 3.98
N LEU A 71 -25.27 -13.01 3.71
CA LEU A 71 -26.50 -12.33 3.31
C LEU A 71 -27.52 -12.20 4.41
N GLU A 72 -28.20 -11.07 4.45
CA GLU A 72 -29.26 -10.83 5.41
C GLU A 72 -30.41 -10.18 4.72
N ILE A 73 -31.61 -10.38 5.25
CA ILE A 73 -32.80 -9.75 4.76
C ILE A 73 -32.97 -8.41 5.45
N ASP A 74 -33.13 -7.34 4.67
CA ASP A 74 -33.34 -5.97 5.18
C ASP A 74 -34.36 -5.22 4.37
N LYS A 75 -34.73 -4.04 4.87
CA LYS A 75 -35.57 -3.13 4.13
C LYS A 75 -34.64 -2.42 3.16
N PRO A 76 -35.12 -2.18 1.94
CA PRO A 76 -34.30 -1.39 1.04
C PRO A 76 -34.13 0.03 1.57
N TYR A 77 -33.03 0.72 1.28
CA TYR A 77 -32.94 2.15 1.59
C TYR A 77 -34.11 2.86 0.86
N GLU A 78 -34.76 3.83 1.52
CA GLU A 78 -36.02 4.42 1.02
C GLU A 78 -35.96 4.97 -0.41
N ASP A 79 -34.79 5.46 -0.82
CA ASP A 79 -34.58 6.01 -2.17
C ASP A 79 -34.23 4.96 -3.26
N THR A 80 -33.95 3.73 -2.84
CA THR A 80 -33.77 2.60 -3.75
C THR A 80 -34.63 1.43 -3.27
N PRO A 81 -35.95 1.54 -3.38
CA PRO A 81 -36.86 0.47 -2.95
C PRO A 81 -36.78 -0.82 -3.76
N ASN A 82 -36.22 -0.74 -4.96
CA ASN A 82 -36.21 -1.87 -5.90
C ASN A 82 -34.81 -2.47 -6.09
N GLN A 83 -33.96 -2.34 -5.05
CA GLN A 83 -32.57 -2.84 -5.06
C GLN A 83 -32.25 -3.41 -3.68
N GLY A 84 -31.44 -4.46 -3.69
CA GLY A 84 -30.71 -4.90 -2.50
C GLY A 84 -29.47 -4.05 -2.31
N ASN A 85 -28.60 -4.50 -1.40
CA ASN A 85 -27.50 -3.71 -0.97
C ASN A 85 -26.22 -4.51 -1.02
N LEU A 86 -25.12 -3.79 -1.22
CA LEU A 86 -23.77 -4.36 -1.17
C LEU A 86 -22.93 -3.50 -0.22
N ILE A 87 -22.33 -4.15 0.78
CA ILE A 87 -21.47 -3.43 1.73
C ILE A 87 -20.11 -4.10 1.72
N VAL A 88 -19.05 -3.40 1.35
CA VAL A 88 -17.69 -3.96 1.26
C VAL A 88 -16.82 -3.40 2.37
N ASN A 89 -16.19 -4.29 3.12
CA ASN A 89 -15.24 -3.94 4.14
CA ASN A 89 -15.26 -3.93 4.14
C ASN A 89 -13.93 -4.70 3.91
N VAL A 90 -12.82 -4.00 4.05
CA VAL A 90 -11.49 -4.63 3.87
C VAL A 90 -10.74 -4.41 5.13
N GLU A 91 -10.07 -5.45 5.63
CA GLU A 91 -9.24 -5.29 6.78
C GLU A 91 -7.85 -5.79 6.47
N LEU A 92 -6.88 -4.93 6.81
CA LEU A 92 -5.46 -5.17 6.65
C LEU A 92 -5.02 -5.71 7.99
N LEU A 93 -5.07 -7.03 8.13
CA LEU A 93 -4.92 -7.60 9.45
C LEU A 93 -3.50 -7.40 9.94
N PRO A 94 -3.35 -7.22 11.25
CA PRO A 94 -2.01 -7.10 11.84
C PRO A 94 -1.19 -8.39 11.68
N LEU A 95 -1.88 -9.52 11.43
CA LEU A 95 -1.26 -10.80 10.99
C LEU A 95 -0.33 -10.60 9.75
N ALA A 96 -0.79 -9.71 8.85
CA ALA A 96 -0.40 -9.55 7.44
C ALA A 96 0.99 -8.96 7.23
N TYR A 97 1.38 -8.05 8.13
CA TYR A 97 2.64 -7.30 7.99
C TYR A 97 3.06 -6.77 9.37
N GLU A 98 4.36 -6.64 9.55
CA GLU A 98 4.90 -6.37 10.87
C GLU A 98 4.44 -5.06 11.49
N THR A 99 4.29 -4.04 10.65
CA THR A 99 4.04 -2.67 11.09
C THR A 99 2.54 -2.39 11.22
N PHE A 100 1.71 -3.27 10.67
CA PHE A 100 0.24 -3.19 10.83
C PHE A 100 -0.14 -3.49 12.28
N GLU A 101 -0.41 -2.45 13.07
CA GLU A 101 -0.95 -2.63 14.42
C GLU A 101 -2.49 -2.70 14.30
N PRO A 102 -3.15 -3.26 15.32
CA PRO A 102 -4.60 -3.38 15.24
C PRO A 102 -5.32 -2.06 15.52
N GLY A 103 -6.54 -1.97 15.00
CA GLY A 103 -7.33 -0.77 15.06
C GLY A 103 -8.41 -0.88 14.00
N PRO A 104 -9.33 0.09 13.99
CA PRO A 104 -10.29 0.10 12.89
C PRO A 104 -9.55 0.30 11.55
N PRO A 105 -10.27 0.19 10.43
CA PRO A 105 -9.61 0.39 9.15
C PRO A 105 -8.93 1.75 9.06
N ASP A 106 -7.68 1.73 8.56
CA ASP A 106 -6.94 2.92 8.40
C ASP A 106 -7.29 3.35 6.99
N GLU A 107 -6.65 4.42 6.54
CA GLU A 107 -6.98 4.98 5.25
C GLU A 107 -6.69 4.03 4.11
N ASN A 108 -5.66 3.18 4.24
CA ASN A 108 -5.34 2.22 3.18
C ASN A 108 -6.42 1.16 3.04
N ALA A 109 -6.88 0.61 4.15
CA ALA A 109 -7.96 -0.40 4.13
C ALA A 109 -9.28 0.21 3.62
N ILE A 110 -9.57 1.45 4.03
CA ILE A 110 -10.79 2.13 3.57
C ILE A 110 -10.73 2.39 2.05
N GLU A 111 -9.60 2.90 1.56
CA GLU A 111 -9.41 3.04 0.11
C GLU A 111 -9.62 1.74 -0.62
N LEU A 112 -9.00 0.65 -0.14
CA LEU A 112 -9.12 -0.59 -0.83
C LEU A 112 -10.59 -1.04 -0.95
N ALA A 113 -11.31 -0.95 0.16
CA ALA A 113 -12.74 -1.27 0.21
C ALA A 113 -13.53 -0.45 -0.81
N ARG A 114 -13.26 0.87 -0.86
CA ARG A 114 -14.01 1.74 -1.73
C ARG A 114 -13.69 1.55 -3.21
N VAL A 115 -12.42 1.27 -3.52
CA VAL A 115 -12.05 0.99 -4.89
C VAL A 115 -12.67 -0.29 -5.32
N VAL A 116 -12.60 -1.30 -4.44
CA VAL A 116 -13.22 -2.59 -4.81
C VAL A 116 -14.75 -2.40 -5.01
N ASP A 117 -15.40 -1.73 -4.06
CA ASP A 117 -16.82 -1.53 -4.13
C ASP A 117 -17.22 -0.86 -5.45
N ARG A 118 -16.53 0.22 -5.82
CA ARG A 118 -16.82 0.96 -7.09
C ARG A 118 -16.68 0.07 -8.27
N SER A 119 -15.62 -0.72 -8.35
CA SER A 119 -15.43 -1.62 -9.46
CA SER A 119 -15.40 -1.68 -9.44
C SER A 119 -16.53 -2.68 -9.57
N LEU A 120 -17.00 -3.22 -8.45
CA LEU A 120 -18.11 -4.16 -8.46
C LEU A 120 -19.39 -3.49 -8.88
N ARG A 121 -19.64 -2.28 -8.38
CA ARG A 121 -20.92 -1.65 -8.56
C ARG A 121 -20.94 -1.03 -9.97
N ASP A 122 -19.84 -0.38 -10.33
CA ASP A 122 -19.86 0.34 -11.59
C ASP A 122 -19.71 -0.61 -12.78
N SER A 123 -19.13 -1.76 -12.57
CA SER A 123 -19.06 -2.76 -13.60
C SER A 123 -20.46 -3.27 -14.00
N LYS A 124 -21.46 -3.10 -13.12
CA LYS A 124 -22.78 -3.79 -13.19
C LYS A 124 -22.66 -5.35 -13.16
N ALA A 125 -21.57 -5.86 -12.62
CA ALA A 125 -21.43 -7.28 -12.46
C ALA A 125 -22.51 -7.77 -11.48
N LEU A 126 -22.73 -7.03 -10.40
CA LEU A 126 -23.76 -7.41 -9.45
C LEU A 126 -24.92 -6.47 -9.58
N ASP A 127 -26.01 -6.94 -10.14
CA ASP A 127 -27.14 -6.10 -10.40
C ASP A 127 -28.02 -6.20 -9.16
N LEU A 128 -28.08 -5.10 -8.44
CA LEU A 128 -28.71 -5.11 -7.13
C LEU A 128 -30.22 -5.22 -7.23
N THR A 129 -30.81 -4.86 -8.39
CA THR A 129 -32.23 -5.06 -8.61
C THR A 129 -32.61 -6.54 -8.56
N LYS A 130 -31.63 -7.43 -8.70
CA LYS A 130 -31.89 -8.87 -8.62
C LYS A 130 -32.00 -9.38 -7.22
N LEU A 131 -31.69 -8.53 -6.25
CA LEU A 131 -31.61 -8.93 -4.83
C LEU A 131 -32.84 -8.51 -4.06
N VAL A 132 -33.88 -8.15 -4.80
CA VAL A 132 -35.18 -7.91 -4.20
C VAL A 132 -36.01 -9.18 -3.90
N ILE A 133 -36.60 -9.23 -2.71
CA ILE A 133 -37.44 -10.35 -2.30
C ILE A 133 -38.89 -9.91 -2.45
N GLU A 134 -39.22 -8.78 -1.84
CA GLU A 134 -40.52 -8.18 -1.97
C GLU A 134 -40.25 -6.71 -2.26
N PRO A 135 -40.59 -6.24 -3.47
CA PRO A 135 -40.26 -4.85 -3.81
C PRO A 135 -40.71 -3.85 -2.75
N GLY A 136 -39.80 -2.98 -2.35
CA GLY A 136 -40.13 -1.96 -1.35
C GLY A 136 -40.31 -2.43 0.10
N LYS A 137 -40.06 -3.71 0.39
CA LYS A 137 -40.27 -4.27 1.73
C LYS A 137 -39.09 -5.15 2.21
N SER A 138 -38.53 -5.99 1.34
CA SER A 138 -37.46 -6.89 1.76
C SER A 138 -36.51 -7.16 0.63
N VAL A 139 -35.22 -7.06 0.92
CA VAL A 139 -34.18 -7.24 -0.08
C VAL A 139 -33.02 -7.90 0.61
N TRP A 140 -32.14 -8.50 -0.16
CA TRP A 140 -30.86 -8.97 0.34
C TRP A 140 -29.85 -7.87 0.51
N THR A 141 -29.19 -7.91 1.68
CA THR A 141 -27.94 -7.19 1.87
C THR A 141 -26.78 -8.15 1.79
N VAL A 142 -25.84 -7.86 0.93
CA VAL A 142 -24.65 -8.66 0.72
C VAL A 142 -23.54 -7.94 1.47
N TRP A 143 -23.13 -8.57 2.59
CA TRP A 143 -21.94 -8.12 3.35
C TRP A 143 -20.77 -8.87 2.83
N LEU A 144 -19.84 -8.13 2.25
CA LEU A 144 -18.63 -8.67 1.73
C LEU A 144 -17.48 -8.19 2.62
N ASP A 145 -16.79 -9.13 3.27
CA ASP A 145 -15.71 -8.83 4.16
C ASP A 145 -14.46 -9.48 3.66
N VAL A 146 -13.43 -8.65 3.49
CA VAL A 146 -12.26 -9.03 2.75
C VAL A 146 -11.05 -8.85 3.68
N TYR A 147 -10.40 -9.95 4.04
CA TYR A 147 -9.38 -9.97 5.08
C TYR A 147 -8.04 -10.27 4.41
N VAL A 148 -7.15 -9.29 4.44
CA VAL A 148 -5.77 -9.49 3.98
C VAL A 148 -4.95 -10.14 5.09
N LEU A 149 -4.70 -11.44 4.89
CA LEU A 149 -3.97 -12.27 5.83
C LEU A 149 -2.45 -12.20 5.70
N ASP A 150 -1.95 -11.91 4.50
CA ASP A 150 -0.50 -11.87 4.26
C ASP A 150 -0.29 -10.78 3.20
N TYR A 151 0.44 -9.76 3.58
CA TYR A 151 0.62 -8.57 2.73
C TYR A 151 1.90 -8.78 1.96
N GLY A 152 1.77 -9.27 0.72
CA GLY A 152 2.94 -9.55 -0.15
C GLY A 152 2.99 -8.69 -1.39
N GLY A 153 2.26 -7.59 -1.40
CA GLY A 153 2.29 -6.68 -2.54
C GLY A 153 1.07 -6.84 -3.39
N ASN A 154 0.66 -5.74 -4.02
CA ASN A 154 -0.51 -5.64 -4.91
C ASN A 154 -1.75 -6.25 -4.27
N VAL A 155 -2.02 -5.85 -3.04
CA VAL A 155 -3.17 -6.35 -2.30
CA VAL A 155 -3.18 -6.40 -2.31
C VAL A 155 -4.49 -6.01 -2.98
N LEU A 156 -4.57 -4.84 -3.60
CA LEU A 156 -5.78 -4.44 -4.33
C LEU A 156 -6.21 -5.48 -5.35
N ASP A 157 -5.32 -5.86 -6.27
CA ASP A 157 -5.72 -6.88 -7.25
C ASP A 157 -6.19 -8.18 -6.62
N ALA A 158 -5.51 -8.64 -5.56
CA ALA A 158 -5.92 -9.83 -4.85
C ALA A 158 -7.28 -9.67 -4.19
N CYS A 159 -7.57 -8.47 -3.63
CA CYS A 159 -8.90 -8.16 -2.98
C CYS A 159 -10.00 -8.21 -4.01
N THR A 160 -9.72 -7.69 -5.21
CA THR A 160 -10.70 -7.79 -6.29
C THR A 160 -11.01 -9.19 -6.71
N LEU A 161 -9.99 -9.99 -6.95
CA LEU A 161 -10.15 -11.40 -7.29
C LEU A 161 -10.93 -12.12 -6.17
N ALA A 162 -10.53 -11.91 -4.92
CA ALA A 162 -11.16 -12.63 -3.79
C ALA A 162 -12.63 -12.27 -3.70
N SER A 163 -12.88 -10.98 -3.85
CA SER A 163 -14.24 -10.43 -3.78
C SER A 163 -15.14 -11.05 -4.85
N VAL A 164 -14.68 -11.05 -6.09
CA VAL A 164 -15.46 -11.56 -7.21
C VAL A 164 -15.70 -13.06 -6.99
N ALA A 165 -14.64 -13.79 -6.61
CA ALA A 165 -14.75 -15.23 -6.41
C ALA A 165 -15.74 -15.51 -5.27
N ALA A 166 -15.67 -14.70 -4.21
CA ALA A 166 -16.56 -14.97 -3.05
C ALA A 166 -18.03 -14.74 -3.43
N LEU A 167 -18.24 -13.66 -4.17
CA LEU A 167 -19.58 -13.35 -4.74
C LEU A 167 -20.12 -14.50 -5.59
N TYR A 168 -19.33 -14.96 -6.57
CA TYR A 168 -19.74 -16.10 -7.39
C TYR A 168 -20.02 -17.38 -6.56
N ASN A 169 -19.30 -17.52 -5.42
CA ASN A 169 -19.46 -18.66 -4.52
C ASN A 169 -20.61 -18.54 -3.56
N THR A 170 -21.33 -17.45 -3.60
CA THR A 170 -22.31 -17.16 -2.56
C THR A 170 -23.61 -17.93 -2.74
N LYS A 171 -23.93 -18.79 -1.77
CA LYS A 171 -25.19 -19.51 -1.74
C LYS A 171 -26.36 -18.57 -1.40
N VAL A 172 -27.49 -18.74 -2.06
CA VAL A 172 -28.71 -18.05 -1.64
C VAL A 172 -29.69 -19.09 -1.07
N TYR A 173 -30.21 -18.79 0.12
CA TYR A 173 -31.08 -19.74 0.84
C TYR A 173 -32.56 -19.45 0.64
N LYS A 174 -33.38 -20.48 0.85
CA LYS A 174 -34.84 -20.39 0.70
C LYS A 174 -35.39 -19.35 1.66
N VAL A 175 -36.28 -18.50 1.17
CA VAL A 175 -36.96 -17.53 2.02
C VAL A 175 -38.38 -18.02 2.22
N GLU A 176 -38.81 -18.11 3.48
CA GLU A 176 -40.16 -18.61 3.80
C GLU A 176 -41.09 -17.50 4.28
N GLN A 177 -42.32 -17.51 3.79
CA GLN A 177 -43.31 -16.48 4.10
C GLN A 177 -44.13 -16.92 5.30
N HIS A 178 -44.48 -15.98 6.17
CA HIS A 178 -45.36 -16.26 7.31
C HIS A 178 -46.37 -15.15 7.50
N ILE A 182 -41.19 -13.00 7.17
CA ILE A 182 -40.30 -13.68 6.22
C ILE A 182 -39.04 -14.19 6.92
N SER A 183 -38.74 -15.49 6.78
CA SER A 183 -37.53 -16.09 7.38
C SER A 183 -36.64 -16.79 6.36
N VAL A 184 -35.33 -16.78 6.60
CA VAL A 184 -34.39 -17.52 5.78
C VAL A 184 -34.31 -18.93 6.34
N ASN A 185 -34.43 -19.92 5.46
CA ASN A 185 -34.26 -21.33 5.80
C ASN A 185 -32.90 -21.84 5.32
N LYS A 186 -31.95 -21.89 6.22
CA LYS A 186 -30.58 -22.26 5.84
C LYS A 186 -30.38 -23.74 5.53
N ASN A 187 -31.42 -24.54 5.68
CA ASN A 187 -31.37 -25.93 5.25
C ASN A 187 -31.60 -26.11 3.76
N GLU A 188 -31.98 -25.05 3.05
CA GLU A 188 -32.29 -25.17 1.63
C GLU A 188 -31.60 -24.05 0.82
N VAL A 189 -30.57 -24.42 0.07
CA VAL A 189 -29.94 -23.58 -0.95
C VAL A 189 -30.76 -23.59 -2.24
N VAL A 190 -31.26 -22.42 -2.62
CA VAL A 190 -32.11 -22.29 -3.80
C VAL A 190 -31.43 -21.65 -4.98
N GLY A 191 -30.20 -21.20 -4.79
CA GLY A 191 -29.50 -20.50 -5.87
C GLY A 191 -28.13 -20.00 -5.50
N LYS A 192 -27.50 -19.31 -6.44
CA LYS A 192 -26.23 -18.66 -6.18
C LYS A 192 -26.46 -17.23 -6.49
N LEU A 193 -25.66 -16.33 -5.91
CA LEU A 193 -25.83 -14.94 -6.16
C LEU A 193 -25.64 -14.69 -7.68
N PRO A 194 -26.56 -13.93 -8.29
CA PRO A 194 -26.54 -13.79 -9.76
C PRO A 194 -25.57 -12.65 -10.18
N LEU A 195 -24.49 -13.05 -10.84
CA LEU A 195 -23.50 -12.13 -11.38
C LEU A 195 -23.60 -12.17 -12.91
N ASN A 196 -23.40 -11.02 -13.53
CA ASN A 196 -23.41 -10.89 -14.97
C ASN A 196 -22.11 -11.38 -15.60
N TYR A 197 -20.99 -11.19 -14.87
CA TYR A 197 -19.67 -11.50 -15.35
C TYR A 197 -18.69 -11.19 -14.22
N PRO A 198 -17.46 -11.67 -14.35
CA PRO A 198 -16.41 -11.25 -13.44
C PRO A 198 -15.88 -9.87 -13.78
N VAL A 199 -15.14 -9.31 -12.82
CA VAL A 199 -14.39 -8.10 -13.01
CA VAL A 199 -14.37 -8.10 -13.05
C VAL A 199 -12.96 -8.37 -12.51
N VAL A 200 -12.00 -7.71 -13.11
CA VAL A 200 -10.64 -7.71 -12.56
C VAL A 200 -10.12 -6.31 -12.42
N THR A 201 -9.20 -6.15 -11.46
CA THR A 201 -8.45 -4.91 -11.31
C THR A 201 -6.99 -5.24 -11.59
N ILE A 202 -6.35 -4.42 -12.41
CA ILE A 202 -4.99 -4.62 -12.85
C ILE A 202 -4.15 -3.43 -12.40
N SER A 203 -3.12 -3.67 -11.58
CA SER A 203 -2.33 -2.58 -11.06
C SER A 203 -0.99 -2.57 -11.79
N VAL A 204 -0.59 -1.39 -12.25
CA VAL A 204 0.65 -1.18 -12.96
C VAL A 204 1.45 -0.17 -12.12
N ALA A 205 2.64 -0.55 -11.74
CA ALA A 205 3.52 0.29 -10.95
C ALA A 205 4.56 0.90 -11.87
N LYS A 206 4.88 2.16 -11.64
CA LYS A 206 5.90 2.81 -12.42
C LYS A 206 7.17 2.66 -11.64
N VAL A 207 8.20 2.06 -12.26
CA VAL A 207 9.50 1.87 -11.59
C VAL A 207 10.53 2.46 -12.56
N ASP A 208 11.06 3.62 -12.20
CA ASP A 208 11.92 4.37 -13.11
C ASP A 208 11.27 4.43 -14.52
N LYS A 209 11.97 3.97 -15.55
CA LYS A 209 11.43 4.04 -16.90
C LYS A 209 10.59 2.81 -17.30
N TYR A 210 10.27 1.97 -16.32
CA TYR A 210 9.56 0.74 -16.63
C TYR A 210 8.18 0.75 -15.97
N LEU A 211 7.27 0.03 -16.58
CA LEU A 211 5.96 -0.22 -16.02
C LEU A 211 5.89 -1.71 -15.78
N VAL A 212 5.42 -2.07 -14.62
CA VAL A 212 5.45 -3.42 -14.13
CA VAL A 212 5.39 -3.45 -14.19
C VAL A 212 4.04 -3.81 -13.66
N VAL A 213 3.51 -4.93 -14.13
CA VAL A 213 2.22 -5.46 -13.75
C VAL A 213 2.39 -6.26 -12.46
N ASP A 214 1.45 -6.13 -11.53
CA ASP A 214 1.43 -6.94 -10.29
C ASP A 214 2.74 -6.80 -9.49
N PRO A 215 3.00 -5.60 -8.99
CA PRO A 215 4.19 -5.42 -8.25
C PRO A 215 4.22 -6.25 -6.96
N ASP A 216 5.37 -6.81 -6.65
CA ASP A 216 5.55 -7.49 -5.32
C ASP A 216 5.95 -6.49 -4.24
N LEU A 217 6.20 -6.96 -3.03
CA LEU A 217 6.50 -6.08 -1.91
C LEU A 217 7.73 -5.21 -2.18
N ASP A 218 8.82 -5.82 -2.62
CA ASP A 218 10.01 -5.07 -2.96
C ASP A 218 9.72 -4.00 -4.04
N GLU A 219 9.04 -4.40 -5.12
CA GLU A 219 8.74 -3.46 -6.21
C GLU A 219 7.84 -2.32 -5.73
N GLU A 220 6.84 -2.63 -4.91
CA GLU A 220 6.05 -1.57 -4.31
C GLU A 220 6.91 -0.67 -3.42
N SER A 221 7.95 -1.19 -2.80
CA SER A 221 8.82 -0.37 -1.94
CA SER A 221 8.77 -0.31 -1.95
C SER A 221 9.63 0.68 -2.73
N ILE A 222 9.89 0.41 -4.01
CA ILE A 222 10.73 1.31 -4.83
C ILE A 222 9.96 2.06 -5.95
N MET A 223 8.67 1.79 -6.11
CA MET A 223 7.94 2.42 -7.20
C MET A 223 7.70 3.92 -6.93
N ASP A 224 7.56 4.69 -8.00
CA ASP A 224 7.11 6.12 -7.89
C ASP A 224 5.62 6.21 -7.57
N ALA A 225 4.86 5.37 -8.23
CA ALA A 225 3.41 5.45 -8.12
C ALA A 225 2.90 4.23 -8.78
N LYS A 226 1.61 3.96 -8.58
CA LYS A 226 0.92 2.87 -9.22
C LYS A 226 -0.47 3.40 -9.69
N ILE A 227 -0.99 2.75 -10.71
CA ILE A 227 -2.29 3.07 -11.22
C ILE A 227 -2.98 1.73 -11.48
N SER A 228 -4.22 1.64 -11.01
CA SER A 228 -4.98 0.43 -11.12
CA SER A 228 -4.98 0.43 -11.13
C SER A 228 -6.18 0.66 -12.03
N PHE A 229 -6.41 -0.30 -12.94
CA PHE A 229 -7.51 -0.23 -13.92
C PHE A 229 -8.37 -1.45 -13.79
N SER A 230 -9.69 -1.24 -13.75
CA SER A 230 -10.65 -2.35 -13.62
C SER A 230 -11.35 -2.59 -14.90
N TYR A 231 -11.58 -3.86 -15.22
CA TYR A 231 -12.12 -4.25 -16.50
C TYR A 231 -13.19 -5.32 -16.35
N THR A 232 -14.21 -5.23 -17.20
CA THR A 232 -15.08 -6.37 -17.44
C THR A 232 -14.65 -7.13 -18.70
N PRO A 233 -15.30 -8.26 -18.96
CA PRO A 233 -14.82 -9.01 -20.14
C PRO A 233 -14.92 -8.33 -21.48
N ASP A 234 -15.79 -7.33 -21.67
CA ASP A 234 -15.84 -6.60 -22.94
C ASP A 234 -14.77 -5.51 -22.98
N LEU A 235 -13.94 -5.50 -21.93
CA LEU A 235 -12.83 -4.59 -21.73
C LEU A 235 -13.25 -3.13 -21.73
N LYS A 236 -14.44 -2.89 -21.21
CA LYS A 236 -14.75 -1.55 -20.71
C LYS A 236 -13.92 -1.29 -19.47
N ILE A 237 -13.50 -0.06 -19.33
CA ILE A 237 -12.85 0.38 -18.09
C ILE A 237 -13.94 0.77 -17.07
N VAL A 238 -13.96 0.13 -15.92
CA VAL A 238 -15.02 0.29 -14.90
C VAL A 238 -14.47 0.79 -13.57
N GLY A 239 -13.24 1.28 -13.61
CA GLY A 239 -12.67 1.95 -12.43
C GLY A 239 -11.20 2.27 -12.70
N ILE A 240 -10.75 3.43 -12.20
CA ILE A 240 -9.31 3.73 -12.20
C ILE A 240 -8.97 4.42 -10.90
N GLN A 241 -7.80 4.08 -10.38
CA GLN A 241 -7.27 4.72 -9.21
C GLN A 241 -5.74 4.82 -9.25
N LYS A 242 -5.24 6.05 -9.37
CA LYS A 242 -3.81 6.31 -9.14
C LYS A 242 -3.60 6.32 -7.61
N SER A 243 -2.52 5.68 -7.16
CA SER A 243 -2.12 5.78 -5.76
C SER A 243 -0.60 5.90 -5.60
N GLY A 244 -0.18 6.49 -4.48
CA GLY A 244 1.21 6.69 -4.18
C GLY A 244 1.62 8.12 -4.22
N LYS A 245 2.79 8.39 -3.63
CA LYS A 245 3.23 9.74 -3.39
C LYS A 245 3.69 10.44 -4.64
N GLY A 246 4.07 9.67 -5.65
CA GLY A 246 4.75 10.18 -6.84
C GLY A 246 3.74 10.45 -7.94
N SER A 247 4.15 11.17 -8.93
CA SER A 247 3.31 11.50 -10.04
C SER A 247 3.68 10.62 -11.22
N MET A 248 2.82 10.61 -12.24
CA MET A 248 3.15 9.96 -13.51
CA MET A 248 3.08 9.91 -13.50
C MET A 248 2.78 10.86 -14.67
N SER A 249 3.46 10.68 -15.81
CA SER A 249 3.15 11.48 -16.96
C SER A 249 1.88 10.97 -17.61
N LEU A 250 1.33 11.86 -18.42
CA LEU A 250 0.20 11.56 -19.28
C LEU A 250 0.48 10.28 -20.10
N GLN A 251 1.67 10.24 -20.63
CA GLN A 251 2.10 9.15 -21.49
C GLN A 251 2.26 7.86 -20.69
N ASP A 252 2.78 7.95 -19.46
CA ASP A 252 2.90 6.80 -18.56
C ASP A 252 1.49 6.19 -18.34
N ILE A 253 0.50 7.06 -18.15
CA ILE A 253 -0.84 6.54 -17.83
C ILE A 253 -1.45 5.86 -19.08
N ASP A 254 -1.21 6.46 -20.24
CA ASP A 254 -1.70 5.95 -21.51
C ASP A 254 -1.13 4.56 -21.73
N GLN A 255 0.18 4.47 -21.54
CA GLN A 255 0.86 3.19 -21.68
C GLN A 255 0.42 2.20 -20.64
N ALA A 256 0.25 2.63 -19.40
CA ALA A 256 -0.19 1.74 -18.38
C ALA A 256 -1.56 1.12 -18.67
N GLU A 257 -2.46 1.94 -19.19
CA GLU A 257 -3.79 1.43 -19.50
C GLU A 257 -3.71 0.39 -20.62
N ASN A 258 -2.92 0.69 -21.64
CA ASN A 258 -2.76 -0.25 -22.75
C ASN A 258 -2.21 -1.56 -22.26
N THR A 259 -1.22 -1.46 -21.37
CA THR A 259 -0.63 -2.67 -20.78
C THR A 259 -1.58 -3.41 -19.83
N ALA A 260 -2.32 -2.65 -18.98
CA ALA A 260 -3.25 -3.25 -18.06
C ALA A 260 -4.34 -4.01 -18.82
N ARG A 261 -4.84 -3.42 -19.89
CA ARG A 261 -5.93 -4.05 -20.65
C ARG A 261 -5.52 -5.38 -21.30
N SER A 262 -4.33 -5.41 -21.86
CA SER A 262 -3.77 -6.62 -22.41
CA SER A 262 -3.79 -6.63 -22.42
C SER A 262 -3.64 -7.75 -21.35
N THR A 263 -3.23 -7.41 -20.16
CA THR A 263 -3.13 -8.38 -19.08
C THR A 263 -4.53 -8.82 -18.58
N ALA A 264 -5.47 -7.86 -18.52
CA ALA A 264 -6.83 -8.15 -18.05
C ALA A 264 -7.47 -9.30 -18.83
N VAL A 265 -7.22 -9.37 -20.13
CA VAL A 265 -7.79 -10.40 -20.98
C VAL A 265 -7.38 -11.78 -20.45
N LYS A 266 -6.10 -11.89 -20.16
CA LYS A 266 -5.58 -13.15 -19.63
C LYS A 266 -6.04 -13.45 -18.22
N LEU A 267 -6.00 -12.46 -17.33
CA LEU A 267 -6.47 -12.60 -15.94
C LEU A 267 -7.97 -12.98 -15.83
N LEU A 268 -8.80 -12.35 -16.65
CA LEU A 268 -10.22 -12.75 -16.74
C LEU A 268 -10.39 -14.21 -17.12
N GLU A 269 -9.64 -14.67 -18.12
CA GLU A 269 -9.78 -16.05 -18.51
C GLU A 269 -9.33 -17.01 -17.41
N GLU A 270 -8.25 -16.67 -16.71
CA GLU A 270 -7.81 -17.48 -15.59
C GLU A 270 -8.86 -17.49 -14.47
N LEU A 271 -9.37 -16.32 -14.12
CA LEU A 271 -10.37 -16.21 -13.12
C LEU A 271 -11.61 -17.06 -13.44
N LYS A 272 -12.06 -17.01 -14.70
CA LYS A 272 -13.23 -17.80 -15.07
C LYS A 272 -12.96 -19.28 -14.89
N LYS A 273 -11.74 -19.72 -15.17
CA LYS A 273 -11.43 -21.13 -14.98
C LYS A 273 -11.54 -21.50 -13.52
N HIS A 274 -11.07 -20.61 -12.65
CA HIS A 274 -11.17 -20.85 -11.24
C HIS A 274 -12.60 -20.84 -10.72
N LEU A 275 -13.47 -20.06 -11.36
CA LEU A 275 -14.85 -19.96 -10.91
C LEU A 275 -15.75 -21.03 -11.50
N GLY A 276 -15.32 -21.71 -12.56
CA GLY A 276 -16.14 -22.72 -13.23
C GLY A 276 -17.18 -22.09 -14.17
N ILE A 277 -16.86 -20.93 -14.75
CA ILE A 277 -17.72 -20.30 -15.74
C ILE A 277 -16.94 -20.07 -17.04
N GLU B 10 -29.18 8.80 -16.71
CA GLU B 10 -30.39 7.92 -16.50
C GLU B 10 -31.74 8.70 -16.52
N ARG B 11 -32.27 9.13 -15.37
CA ARG B 11 -33.63 9.73 -15.29
C ARG B 11 -33.76 11.10 -15.99
N PRO B 12 -33.11 12.16 -15.47
CA PRO B 12 -33.17 13.44 -16.21
C PRO B 12 -32.33 13.38 -17.49
N LYS B 13 -32.77 14.04 -18.55
CA LYS B 13 -31.94 14.25 -19.73
C LYS B 13 -30.69 15.10 -19.39
N LEU B 14 -29.50 14.64 -19.77
CA LEU B 14 -28.29 15.40 -19.44
C LEU B 14 -27.74 16.19 -20.61
N ILE B 15 -28.03 15.76 -21.84
CA ILE B 15 -27.70 16.49 -23.05
C ILE B 15 -29.01 16.80 -23.73
N LEU B 16 -29.32 18.08 -23.86
CA LEU B 16 -30.63 18.48 -24.39
C LEU B 16 -30.58 18.50 -25.92
N ASP B 17 -31.69 18.83 -26.59
CA ASP B 17 -31.78 18.70 -28.04
C ASP B 17 -30.86 19.68 -28.77
N ASP B 18 -30.60 20.83 -28.13
CA ASP B 18 -29.64 21.81 -28.68
C ASP B 18 -28.19 21.44 -28.50
N GLY B 19 -27.94 20.29 -27.87
CA GLY B 19 -26.59 19.78 -27.65
C GLY B 19 -25.92 20.35 -26.43
N LYS B 20 -26.68 21.10 -25.64
CA LYS B 20 -26.12 21.71 -24.43
C LYS B 20 -26.54 20.92 -23.19
N ARG B 21 -25.85 21.22 -22.10
CA ARG B 21 -26.03 20.52 -20.86
C ARG B 21 -27.09 21.21 -20.01
N THR B 22 -27.44 20.57 -18.89
CA THR B 22 -28.55 21.01 -18.05
C THR B 22 -28.36 22.40 -17.46
N ASP B 23 -27.13 22.87 -17.37
CA ASP B 23 -26.87 24.24 -16.87
C ASP B 23 -26.51 25.24 -17.98
N GLY B 24 -26.73 24.87 -19.25
CA GLY B 24 -26.46 25.79 -20.38
C GLY B 24 -25.11 25.64 -21.09
N ARG B 25 -24.21 24.86 -20.52
CA ARG B 25 -22.82 24.75 -21.04
C ARG B 25 -22.71 23.81 -22.20
N LYS B 26 -21.78 24.11 -23.10
CA LYS B 26 -21.34 23.15 -24.11
C LYS B 26 -20.54 21.99 -23.44
N PRO B 27 -20.40 20.87 -24.14
CA PRO B 27 -19.58 19.80 -23.58
C PRO B 27 -18.14 20.21 -23.19
N ASP B 28 -17.54 21.17 -23.87
CA ASP B 28 -16.15 21.49 -23.58
C ASP B 28 -15.98 22.80 -22.82
N GLU B 29 -17.00 23.20 -22.07
CA GLU B 29 -17.00 24.48 -21.38
C GLU B 29 -16.91 24.24 -19.86
N LEU B 30 -16.01 24.96 -19.22
CA LEU B 30 -15.84 24.93 -17.77
C LEU B 30 -16.91 25.81 -17.10
N ARG B 31 -17.17 25.52 -15.83
CA ARG B 31 -17.97 26.43 -15.01
C ARG B 31 -17.11 27.65 -14.70
N SER B 32 -17.73 28.70 -14.21
CA SER B 32 -17.04 29.92 -13.82
C SER B 32 -16.19 29.72 -12.57
N ILE B 33 -15.04 30.36 -12.54
CA ILE B 33 -14.01 30.16 -11.50
C ILE B 33 -13.76 31.46 -10.79
N LYS B 34 -13.71 31.42 -9.47
CA LYS B 34 -13.34 32.58 -8.66
C LYS B 34 -12.33 32.14 -7.60
N ILE B 35 -11.23 32.87 -7.47
CA ILE B 35 -10.15 32.53 -6.56
C ILE B 35 -9.88 33.72 -5.67
N GLU B 36 -9.75 33.48 -4.36
CA GLU B 36 -9.36 34.51 -3.42
C GLU B 36 -8.25 33.99 -2.56
N LEU B 37 -7.24 34.81 -2.31
CA LEU B 37 -6.09 34.37 -1.54
C LEU B 37 -5.98 35.17 -0.28
N GLY B 38 -5.32 34.65 0.74
CA GLY B 38 -5.03 35.42 1.94
C GLY B 38 -6.30 35.78 2.71
N VAL B 39 -7.26 34.87 2.74
CA VAL B 39 -8.59 35.14 3.27
C VAL B 39 -8.59 34.98 4.84
N LEU B 40 -7.68 34.18 5.41
CA LEU B 40 -7.62 33.93 6.86
C LEU B 40 -6.39 34.63 7.49
N LYS B 41 -6.58 35.27 8.63
CA LYS B 41 -5.49 35.97 9.31
C LYS B 41 -4.48 35.08 10.03
N ASN B 42 -4.92 33.98 10.66
CA ASN B 42 -3.95 33.12 11.40
C ASN B 42 -3.14 32.14 10.57
N ALA B 43 -3.79 31.60 9.54
CA ALA B 43 -3.19 30.62 8.68
C ALA B 43 -1.93 31.22 8.07
N ASP B 44 -0.91 30.39 7.87
CA ASP B 44 0.29 30.87 7.18
C ASP B 44 -0.02 31.14 5.72
N GLY B 45 -0.91 30.33 5.13
CA GLY B 45 -1.49 30.68 3.81
C GLY B 45 -2.93 30.20 3.72
N SER B 46 -3.71 30.83 2.86
CA SER B 46 -5.12 30.47 2.76
C SER B 46 -5.70 30.79 1.38
N ALA B 47 -6.77 30.10 0.98
CA ALA B 47 -7.41 30.39 -0.33
C ALA B 47 -8.82 29.91 -0.30
N ILE B 48 -9.67 30.60 -1.05
CA ILE B 48 -11.01 30.13 -1.39
C ILE B 48 -11.01 29.89 -2.90
N PHE B 49 -11.54 28.76 -3.31
CA PHE B 49 -11.66 28.40 -4.70
C PHE B 49 -13.12 27.98 -4.96
N GLU B 50 -13.70 28.64 -5.97
CA GLU B 50 -15.06 28.39 -6.43
C GLU B 50 -15.00 27.99 -7.90
N MET B 51 -15.65 26.89 -8.16
CA MET B 51 -15.83 26.42 -9.50
C MET B 51 -17.28 26.12 -9.63
N GLY B 52 -17.96 26.99 -10.34
CA GLY B 52 -19.40 27.04 -10.33
C GLY B 52 -19.92 27.08 -8.88
N ASN B 53 -20.82 26.18 -8.53
CA ASN B 53 -21.38 26.18 -7.16
C ASN B 53 -20.56 25.33 -6.15
N THR B 54 -19.44 24.79 -6.57
CA THR B 54 -18.54 24.06 -5.68
C THR B 54 -17.53 25.07 -5.09
N LYS B 55 -17.39 25.10 -3.78
CA LYS B 55 -16.56 26.10 -3.14
C LYS B 55 -15.83 25.46 -1.94
N ALA B 56 -14.52 25.64 -1.88
CA ALA B 56 -13.67 25.17 -0.79
C ALA B 56 -12.80 26.29 -0.28
N ILE B 57 -12.52 26.21 1.02
CA ILE B 57 -11.52 27.06 1.65
C ILE B 57 -10.41 26.12 2.17
N ALA B 58 -9.20 26.57 2.06
CA ALA B 58 -8.01 25.88 2.53
C ALA B 58 -7.17 26.80 3.42
N ALA B 59 -6.58 26.20 4.47
CA ALA B 59 -5.65 26.90 5.38
C ALA B 59 -4.38 26.02 5.53
N VAL B 60 -3.20 26.65 5.47
CA VAL B 60 -1.92 25.95 5.59
C VAL B 60 -1.16 26.46 6.81
N TYR B 61 -0.58 25.55 7.59
CA TYR B 61 0.31 25.91 8.71
C TYR B 61 1.65 25.18 8.60
N GLY B 62 2.76 25.89 8.78
CA GLY B 62 4.07 25.24 8.86
C GLY B 62 5.01 25.77 7.82
N PRO B 63 6.16 25.13 7.63
CA PRO B 63 6.56 23.92 8.32
C PRO B 63 6.86 24.19 9.77
N LYS B 64 6.51 23.26 10.64
CA LYS B 64 6.84 23.38 12.05
C LYS B 64 7.26 22.02 12.56
N GLU B 65 8.03 22.01 13.64
CA GLU B 65 8.50 20.76 14.20
C GLU B 65 7.33 19.92 14.65
N MET B 66 7.29 18.66 14.21
CA MET B 66 6.23 17.73 14.52
C MET B 66 6.59 16.99 15.79
N HIS B 67 5.81 17.23 16.85
CA HIS B 67 6.22 16.88 18.21
C HIS B 67 6.53 15.43 18.52
N PRO B 68 5.73 14.46 18.00
CA PRO B 68 5.87 13.09 18.50
C PRO B 68 7.21 12.67 19.18
N ARG B 69 8.37 12.60 18.51
CA ARG B 69 8.65 13.03 17.15
C ARG B 69 8.90 11.83 16.24
N HIS B 70 8.48 10.65 16.70
CA HIS B 70 8.76 9.41 16.00
C HIS B 70 7.89 9.25 14.77
N LEU B 71 6.98 10.19 14.55
CA LEU B 71 6.18 10.16 13.33
C LEU B 71 6.74 11.10 12.28
N SER B 72 7.81 11.83 12.60
CA SER B 72 8.51 12.66 11.63
C SER B 72 9.39 11.82 10.69
N LEU B 73 9.82 12.43 9.60
CA LEU B 73 10.73 11.79 8.66
C LEU B 73 12.09 12.51 8.73
N PRO B 74 13.21 11.75 8.73
CA PRO B 74 14.50 12.41 8.92
C PRO B 74 15.04 13.20 7.72
N ASP B 75 14.44 13.05 6.54
CA ASP B 75 14.96 13.65 5.32
C ASP B 75 13.99 14.65 4.65
N ARG B 76 12.79 14.84 5.23
CA ARG B 76 11.71 15.60 4.59
C ARG B 76 10.59 15.91 5.57
N ALA B 77 9.71 16.84 5.18
CA ALA B 77 8.52 17.18 5.96
C ALA B 77 7.45 16.12 5.71
N VAL B 78 6.59 15.95 6.70
CA VAL B 78 5.37 15.18 6.62
C VAL B 78 4.25 16.13 6.28
N LEU B 79 3.46 15.81 5.26
CA LEU B 79 2.23 16.55 4.99
C LEU B 79 1.08 15.92 5.79
N ARG B 80 0.30 16.77 6.44
CA ARG B 80 -0.89 16.35 7.15
C ARG B 80 -2.03 17.10 6.52
N VAL B 81 -3.02 16.36 6.04
CA VAL B 81 -3.99 16.89 5.12
C VAL B 81 -5.38 16.42 5.48
N ARG B 82 -6.31 17.35 5.52
CA ARG B 82 -7.69 17.06 5.81
C ARG B 82 -8.63 17.58 4.72
N TYR B 83 -9.42 16.68 4.16
CA TYR B 83 -10.58 17.04 3.30
C TYR B 83 -11.82 16.80 4.15
N HIS B 84 -12.65 17.83 4.31
CA HIS B 84 -13.85 17.71 5.14
C HIS B 84 -14.94 18.55 4.51
N MET B 85 -16.15 18.04 4.58
CA MET B 85 -17.30 18.77 4.07
CA MET B 85 -17.31 18.78 4.07
C MET B 85 -18.12 19.32 5.23
N THR B 86 -18.53 20.59 5.14
CA THR B 86 -19.40 21.10 6.18
C THR B 86 -20.79 20.38 6.07
N PRO B 87 -21.53 20.26 7.16
CA PRO B 87 -22.86 19.63 7.13
C PRO B 87 -23.87 20.32 6.18
N PHE B 88 -23.69 21.61 5.92
CA PHE B 88 -24.63 22.42 5.12
C PHE B 88 -24.10 22.61 3.68
N SER B 89 -23.06 21.86 3.29
CA SER B 89 -22.48 22.00 1.96
C SER B 89 -23.22 21.18 0.91
N THR B 90 -24.09 20.27 1.35
CA THR B 90 -24.73 19.28 0.52
C THR B 90 -26.25 19.52 0.54
N ASP B 91 -26.93 19.02 -0.49
CA ASP B 91 -28.41 19.11 -0.62
C ASP B 91 -29.12 18.66 0.63
N GLU B 92 -28.70 17.53 1.17
CA GLU B 92 -29.22 17.11 2.49
C GLU B 92 -28.08 17.13 3.51
N ARG B 93 -28.39 17.39 4.76
CA ARG B 93 -27.34 17.59 5.75
C ARG B 93 -26.33 16.41 5.68
N LYS B 94 -25.04 16.73 5.63
CA LYS B 94 -24.00 15.71 5.81
C LYS B 94 -23.61 15.62 7.32
N ASN B 95 -23.63 14.43 7.91
CA ASN B 95 -23.16 14.29 9.29
C ASN B 95 -21.69 14.75 9.39
N PRO B 96 -21.35 15.58 10.38
CA PRO B 96 -19.97 16.11 10.43
C PRO B 96 -18.82 15.07 10.73
N ALA B 97 -19.15 13.90 11.27
CA ALA B 97 -18.15 12.84 11.49
C ALA B 97 -17.53 12.42 10.14
N PRO B 98 -16.19 12.19 10.06
CA PRO B 98 -15.60 11.83 8.79
C PRO B 98 -16.20 10.54 8.27
N SER B 99 -16.56 10.57 7.02
CA SER B 99 -17.11 9.45 6.32
C SER B 99 -15.92 8.69 5.69
N ARG B 100 -16.18 7.46 5.23
CA ARG B 100 -15.17 6.73 4.43
C ARG B 100 -14.74 7.46 3.19
N ARG B 101 -15.70 8.14 2.53
CA ARG B 101 -15.37 8.99 1.42
C ARG B 101 -14.34 10.07 1.76
N GLU B 102 -14.56 10.80 2.85
CA GLU B 102 -13.67 11.86 3.29
C GLU B 102 -12.30 11.30 3.62
N ILE B 103 -12.28 10.12 4.19
CA ILE B 103 -11.02 9.46 4.52
C ILE B 103 -10.24 9.16 3.25
N GLU B 104 -10.91 8.53 2.27
CA GLU B 104 -10.26 8.28 0.98
C GLU B 104 -9.73 9.57 0.30
N LEU B 105 -10.57 10.61 0.26
CA LEU B 105 -10.31 11.82 -0.46
C LEU B 105 -9.17 12.59 0.23
N SER B 106 -9.11 12.52 1.55
CA SER B 106 -7.97 13.13 2.27
C SER B 106 -6.61 12.50 1.84
N LYS B 107 -6.58 11.19 1.71
CA LYS B 107 -5.37 10.49 1.24
C LYS B 107 -5.05 10.83 -0.20
N VAL B 108 -6.04 10.76 -1.09
CA VAL B 108 -5.83 11.06 -2.48
C VAL B 108 -5.32 12.50 -2.68
N ILE B 109 -5.88 13.46 -1.94
CA ILE B 109 -5.44 14.84 -2.03
C ILE B 109 -4.03 14.99 -1.46
N ARG B 110 -3.76 14.40 -0.30
CA ARG B 110 -2.41 14.42 0.27
C ARG B 110 -1.40 13.88 -0.74
N GLU B 111 -1.68 12.73 -1.32
CA GLU B 111 -0.73 12.11 -2.23
C GLU B 111 -0.53 12.98 -3.47
N ALA B 112 -1.57 13.71 -3.88
CA ALA B 112 -1.38 14.63 -4.98
C ALA B 112 -0.40 15.80 -4.60
N LEU B 113 -0.57 16.34 -3.42
CA LEU B 113 0.30 17.39 -2.88
C LEU B 113 1.73 16.95 -2.64
N GLU B 114 1.94 15.68 -2.24
CA GLU B 114 3.28 15.12 -2.07
C GLU B 114 4.22 15.19 -3.25
N SER B 115 3.69 15.18 -4.49
CA SER B 115 4.52 15.27 -5.70
CA SER B 115 4.61 15.25 -5.64
C SER B 115 4.98 16.68 -5.97
N ALA B 116 4.28 17.62 -5.36
CA ALA B 116 4.47 19.06 -5.66
C ALA B 116 5.27 19.78 -4.61
N VAL B 117 4.99 19.50 -3.35
CA VAL B 117 5.59 20.24 -2.26
C VAL B 117 7.02 19.80 -2.10
N LEU B 118 7.93 20.76 -1.97
CA LEU B 118 9.37 20.44 -1.82
C LEU B 118 9.69 20.11 -0.37
N VAL B 119 9.08 19.00 0.06
CA VAL B 119 9.21 18.46 1.43
C VAL B 119 10.64 18.17 1.89
N GLU B 120 11.57 17.86 0.99
CA GLU B 120 12.96 17.55 1.41
C GLU B 120 13.72 18.79 1.94
N LEU B 121 13.14 19.97 1.71
CA LEU B 121 13.70 21.21 2.26
C LEU B 121 13.58 21.24 3.80
N PHE B 122 12.58 20.57 4.34
CA PHE B 122 12.31 20.73 5.78
C PHE B 122 12.28 19.41 6.55
N PRO B 123 13.43 18.72 6.67
CA PRO B 123 13.38 17.46 7.45
C PRO B 123 12.84 17.64 8.86
N ARG B 124 12.10 16.63 9.34
CA ARG B 124 11.57 16.55 10.71
C ARG B 124 10.37 17.47 10.99
N THR B 125 9.86 18.17 9.98
CA THR B 125 8.72 19.04 10.21
C THR B 125 7.39 18.41 9.69
N ALA B 126 6.29 19.05 10.05
CA ALA B 126 4.96 18.86 9.44
C ALA B 126 4.49 20.14 8.75
N ILE B 127 3.87 19.96 7.60
CA ILE B 127 3.12 21.02 6.90
C ILE B 127 1.67 20.59 6.92
N ASP B 128 0.84 21.35 7.64
CA ASP B 128 -0.56 21.02 7.79
C ASP B 128 -1.41 21.72 6.76
N VAL B 129 -2.24 20.94 6.08
CA VAL B 129 -3.12 21.44 5.03
C VAL B 129 -4.56 21.03 5.36
N PHE B 130 -5.39 22.02 5.69
CA PHE B 130 -6.78 21.81 6.06
C PHE B 130 -7.76 22.39 5.04
N THR B 131 -8.61 21.55 4.45
CA THR B 131 -9.60 22.08 3.51
C THR B 131 -11.02 21.80 4.00
N GLU B 132 -11.95 22.71 3.74
CA GLU B 132 -13.35 22.53 4.07
C GLU B 132 -14.18 22.82 2.84
N ILE B 133 -15.09 21.93 2.51
CA ILE B 133 -16.02 22.15 1.39
C ILE B 133 -17.23 22.89 1.96
N LEU B 134 -17.43 24.11 1.49
CA LEU B 134 -18.49 25.01 1.95
C LEU B 134 -19.78 24.80 1.14
N GLN B 135 -19.61 24.43 -0.13
CA GLN B 135 -20.70 24.13 -1.06
C GLN B 135 -20.22 23.02 -2.02
N ALA B 136 -20.96 21.91 -2.09
CA ALA B 136 -20.57 20.75 -2.90
C ALA B 136 -21.54 20.63 -4.09
N ASP B 137 -21.03 20.78 -5.29
CA ASP B 137 -21.83 20.60 -6.53
C ASP B 137 -20.95 19.92 -7.58
N ALA B 138 -20.23 18.89 -7.12
CA ALA B 138 -19.33 17.99 -7.89
C ALA B 138 -17.97 18.60 -8.08
N GLY B 139 -16.95 17.76 -8.17
CA GLY B 139 -15.60 18.22 -8.32
C GLY B 139 -14.96 18.79 -7.06
N SER B 140 -15.59 18.58 -5.89
CA SER B 140 -15.08 19.16 -4.64
C SER B 140 -13.68 18.63 -4.24
N ARG B 141 -13.33 17.40 -4.63
CA ARG B 141 -11.97 16.90 -4.31
C ARG B 141 -10.90 17.74 -5.07
N LEU B 142 -11.24 18.21 -6.27
CA LEU B 142 -10.32 18.99 -7.07
C LEU B 142 -10.29 20.41 -6.65
N VAL B 143 -11.43 20.96 -6.30
CA VAL B 143 -11.49 22.31 -5.81
C VAL B 143 -10.75 22.42 -4.47
N SER B 144 -10.89 21.42 -3.62
CA SER B 144 -10.12 21.38 -2.34
C SER B 144 -8.62 21.30 -2.65
N LEU B 145 -8.25 20.41 -3.58
CA LEU B 145 -6.86 20.26 -3.95
C LEU B 145 -6.22 21.52 -4.49
N MET B 146 -6.94 22.23 -5.35
CA MET B 146 -6.44 23.49 -5.93
C MET B 146 -6.40 24.59 -4.89
N ALA B 147 -7.46 24.69 -4.05
CA ALA B 147 -7.42 25.66 -2.94
C ALA B 147 -6.19 25.40 -2.05
N ALA B 148 -5.91 24.13 -1.77
CA ALA B 148 -4.66 23.75 -1.04
C ALA B 148 -3.35 24.15 -1.71
N SER B 149 -3.24 23.91 -3.01
CA SER B 149 -2.09 24.25 -3.78
C SER B 149 -1.88 25.76 -3.70
N LEU B 150 -2.96 26.50 -3.88
CA LEU B 150 -2.91 27.96 -3.77
C LEU B 150 -2.58 28.47 -2.36
N ALA B 151 -3.13 27.82 -1.33
CA ALA B 151 -2.86 28.21 0.06
C ALA B 151 -1.37 27.96 0.38
N LEU B 152 -0.82 26.86 -0.14
CA LEU B 152 0.61 26.56 0.05
C LEU B 152 1.48 27.63 -0.62
N ALA B 153 1.05 28.07 -1.80
CA ALA B 153 1.74 29.18 -2.47
C ALA B 153 1.67 30.47 -1.63
N ASP B 154 0.45 30.74 -1.12
CA ASP B 154 0.19 31.92 -0.29
C ASP B 154 1.04 31.91 1.01
N ALA B 155 1.40 30.71 1.47
CA ALA B 155 2.18 30.48 2.68
C ALA B 155 3.70 30.52 2.41
N GLY B 156 4.09 30.53 1.15
CA GLY B 156 5.49 30.66 0.81
C GLY B 156 6.26 29.39 0.94
N ILE B 157 5.57 28.27 0.78
CA ILE B 157 6.17 26.96 0.94
C ILE B 157 6.57 26.44 -0.45
N PRO B 158 7.88 26.23 -0.67
CA PRO B 158 8.34 25.96 -2.02
C PRO B 158 7.67 24.73 -2.64
N MET B 159 7.22 24.87 -3.88
CA MET B 159 6.64 23.77 -4.66
C MET B 159 7.22 23.72 -6.05
N ARG B 160 7.24 22.54 -6.63
CA ARG B 160 7.76 22.42 -7.98
CA ARG B 160 7.69 22.32 -8.01
C ARG B 160 6.80 23.04 -9.01
N ASP B 161 5.52 23.11 -8.70
CA ASP B 161 4.49 23.66 -9.59
C ASP B 161 3.17 23.76 -8.80
N LEU B 162 2.27 24.57 -9.31
CA LEU B 162 0.87 24.55 -8.89
C LEU B 162 0.20 23.31 -9.45
N ILE B 163 -0.93 22.94 -8.83
CA ILE B 163 -1.75 21.87 -9.28
C ILE B 163 -3.08 22.41 -9.74
N ALA B 164 -3.47 22.02 -10.96
CA ALA B 164 -4.77 22.38 -11.51
C ALA B 164 -5.45 21.07 -11.84
N GLY B 165 -6.76 20.97 -11.65
CA GLY B 165 -7.46 19.73 -11.96
C GLY B 165 -8.88 19.99 -12.38
N VAL B 166 -9.47 19.00 -13.05
CA VAL B 166 -10.84 19.11 -13.53
CA VAL B 166 -10.86 19.11 -13.48
C VAL B 166 -11.36 17.68 -13.65
N ALA B 167 -12.66 17.50 -13.49
CA ALA B 167 -13.27 16.16 -13.76
C ALA B 167 -13.88 16.19 -15.17
N VAL B 168 -13.58 15.15 -15.97
CA VAL B 168 -14.26 14.94 -17.24
C VAL B 168 -15.14 13.75 -17.07
N GLY B 169 -16.01 13.50 -18.01
CA GLY B 169 -16.90 12.39 -17.86
C GLY B 169 -17.72 12.18 -19.11
N LYS B 170 -18.77 11.41 -18.93
CA LYS B 170 -19.61 11.02 -20.00
C LYS B 170 -21.03 11.11 -19.50
N ALA B 171 -21.87 11.81 -20.27
CA ALA B 171 -23.28 12.01 -20.01
C ALA B 171 -24.10 11.82 -21.30
N ASP B 172 -25.06 10.90 -21.26
CA ASP B 172 -25.87 10.53 -22.40
C ASP B 172 -24.95 10.24 -23.60
N GLY B 173 -23.81 9.61 -23.32
CA GLY B 173 -22.89 9.21 -24.39
C GLY B 173 -21.92 10.28 -24.84
N VAL B 174 -21.98 11.47 -24.24
CA VAL B 174 -21.22 12.60 -24.72
C VAL B 174 -20.10 12.86 -23.75
N ILE B 175 -18.89 13.06 -24.26
CA ILE B 175 -17.78 13.32 -23.37
C ILE B 175 -17.87 14.76 -22.94
N ILE B 176 -17.75 15.03 -21.63
CA ILE B 176 -18.04 16.37 -21.09
C ILE B 176 -17.00 16.80 -20.08
N LEU B 177 -16.85 18.12 -19.97
CA LEU B 177 -15.80 18.76 -19.15
C LEU B 177 -16.41 19.45 -17.92
N ASP B 178 -15.91 19.07 -16.76
CA ASP B 178 -16.14 19.79 -15.50
C ASP B 178 -17.57 19.53 -15.08
N LEU B 179 -17.81 18.36 -14.50
CA LEU B 179 -19.19 17.94 -14.22
C LEU B 179 -19.79 18.71 -13.06
N ASN B 180 -21.07 19.00 -13.16
CA ASN B 180 -21.88 19.38 -12.01
C ASN B 180 -22.49 18.16 -11.32
N GLU B 181 -23.23 18.39 -10.24
CA GLU B 181 -23.68 17.27 -9.40
CA GLU B 181 -23.69 17.29 -9.39
C GLU B 181 -24.69 16.41 -10.14
N THR B 182 -25.50 17.03 -10.96
CA THR B 182 -26.47 16.32 -11.78
C THR B 182 -25.76 15.31 -12.68
N GLU B 183 -24.72 15.75 -13.38
CA GLU B 183 -23.93 14.88 -14.23
C GLU B 183 -23.15 13.82 -13.48
N ALA B 184 -22.57 14.20 -12.36
CA ALA B 184 -21.89 13.25 -11.48
C ALA B 184 -22.86 12.18 -10.99
N MET B 185 -24.08 12.57 -10.67
CA MET B 185 -25.02 11.60 -10.08
C MET B 185 -25.61 10.64 -11.15
N TRP B 186 -25.97 11.21 -12.29
CA TRP B 186 -26.73 10.48 -13.30
C TRP B 186 -26.03 10.09 -14.58
N GLY B 187 -24.84 10.60 -14.81
CA GLY B 187 -24.03 10.25 -15.96
C GLY B 187 -23.41 8.86 -15.84
N GLU B 188 -22.62 8.53 -16.84
CA GLU B 188 -22.05 7.21 -17.01
C GLU B 188 -20.62 7.12 -16.47
N ALA B 189 -19.96 8.25 -16.32
CA ALA B 189 -18.54 8.25 -15.92
C ALA B 189 -18.14 9.56 -15.36
N ASP B 190 -17.26 9.55 -14.35
CA ASP B 190 -16.74 10.79 -13.75
C ASP B 190 -15.30 10.56 -13.45
N MET B 191 -14.42 11.35 -14.06
CA MET B 191 -12.97 11.11 -14.04
C MET B 191 -12.23 12.37 -13.63
N PRO B 192 -11.98 12.54 -12.33
CA PRO B 192 -11.16 13.65 -11.85
C PRO B 192 -9.69 13.45 -12.12
N ILE B 193 -9.09 14.48 -12.68
CA ILE B 193 -7.66 14.52 -13.02
C ILE B 193 -7.05 15.82 -12.53
N ALA B 194 -5.91 15.71 -11.89
CA ALA B 194 -5.17 16.89 -11.50
C ALA B 194 -3.73 16.71 -11.92
N MET B 195 -3.12 17.81 -12.34
CA MET B 195 -1.73 17.81 -12.83
C MET B 195 -0.89 18.95 -12.26
N MET B 196 0.43 18.79 -12.37
CA MET B 196 1.40 19.91 -12.37
C MET B 196 1.62 20.21 -13.85
N PRO B 197 0.91 21.20 -14.37
CA PRO B 197 0.85 21.32 -15.83
C PRO B 197 2.15 21.69 -16.50
N SER B 198 2.99 22.45 -15.84
CA SER B 198 4.23 22.85 -16.50
C SER B 198 5.19 21.66 -16.55
N LEU B 199 4.98 20.67 -15.69
CA LEU B 199 5.87 19.51 -15.59
C LEU B 199 5.32 18.24 -16.29
N ASN B 200 4.12 18.33 -16.87
CA ASN B 200 3.49 17.21 -17.57
C ASN B 200 3.20 16.01 -16.67
N GLN B 201 2.97 16.24 -15.38
CA GLN B 201 2.84 15.19 -14.42
C GLN B 201 1.44 15.20 -13.84
N VAL B 202 0.87 14.01 -13.72
CA VAL B 202 -0.40 13.78 -13.14
C VAL B 202 -0.23 13.45 -11.69
N THR B 203 -0.98 14.16 -10.85
CA THR B 203 -0.93 14.07 -9.39
CA THR B 203 -0.90 13.97 -9.39
C THR B 203 -2.12 13.28 -8.76
N LEU B 204 -3.28 13.37 -9.41
CA LEU B 204 -4.48 12.70 -9.01
C LEU B 204 -5.15 12.17 -10.26
N PHE B 205 -5.64 10.96 -10.18
CA PHE B 205 -6.33 10.36 -11.34
C PHE B 205 -7.24 9.27 -10.83
N GLN B 206 -8.54 9.45 -11.04
CA GLN B 206 -9.50 8.50 -10.63
C GLN B 206 -10.62 8.44 -11.67
N LEU B 207 -11.25 7.29 -11.76
CA LEU B 207 -12.50 7.16 -12.55
C LEU B 207 -13.49 6.37 -11.78
N ASN B 208 -14.74 6.87 -11.69
CA ASN B 208 -15.84 6.01 -11.39
C ASN B 208 -16.88 6.00 -12.53
N GLY B 209 -17.62 4.91 -12.64
CA GLY B 209 -18.54 4.72 -13.76
C GLY B 209 -17.78 3.88 -14.75
N SER B 210 -18.01 4.09 -16.05
CA SER B 210 -17.51 3.18 -17.06
CA SER B 210 -17.41 3.23 -17.04
C SER B 210 -17.27 3.96 -18.37
N MET B 211 -16.20 3.60 -19.10
CA MET B 211 -15.87 4.22 -20.37
C MET B 211 -15.16 3.17 -21.21
N THR B 212 -15.37 3.22 -22.51
CA THR B 212 -14.51 2.41 -23.37
C THR B 212 -13.09 3.02 -23.32
N PRO B 213 -12.08 2.23 -23.70
CA PRO B 213 -10.73 2.82 -23.71
C PRO B 213 -10.57 4.03 -24.70
N ASP B 214 -11.28 4.03 -25.83
CA ASP B 214 -11.25 5.21 -26.72
C ASP B 214 -11.91 6.41 -26.07
N GLU B 215 -13.04 6.20 -25.37
CA GLU B 215 -13.67 7.30 -24.60
C GLU B 215 -12.76 7.85 -23.51
N PHE B 216 -12.08 6.97 -22.81
CA PHE B 216 -11.11 7.33 -21.81
C PHE B 216 -10.04 8.29 -22.36
N ARG B 217 -9.51 7.98 -23.51
CA ARG B 217 -8.49 8.82 -24.14
C ARG B 217 -9.02 10.16 -24.62
N GLN B 218 -10.23 10.16 -25.16
CA GLN B 218 -10.93 11.39 -25.56
C GLN B 218 -11.13 12.27 -24.35
N ALA B 219 -11.56 11.69 -23.24
CA ALA B 219 -11.83 12.43 -22.02
C ALA B 219 -10.56 12.99 -21.43
N PHE B 220 -9.53 12.19 -21.41
CA PHE B 220 -8.23 12.57 -20.83
CA PHE B 220 -8.32 12.68 -20.76
C PHE B 220 -7.69 13.79 -21.59
N ASP B 221 -7.80 13.73 -22.91
CA ASP B 221 -7.37 14.84 -23.79
C ASP B 221 -8.15 16.16 -23.50
N LEU B 222 -9.48 16.05 -23.34
CA LEU B 222 -10.30 17.19 -23.00
C LEU B 222 -9.96 17.76 -21.64
N ALA B 223 -9.65 16.90 -20.67
CA ALA B 223 -9.26 17.33 -19.33
C ALA B 223 -8.04 18.19 -19.37
N VAL B 224 -7.03 17.80 -20.17
CA VAL B 224 -5.82 18.56 -20.31
C VAL B 224 -6.07 19.99 -20.81
N LYS B 225 -6.95 20.15 -21.80
CA LYS B 225 -7.38 21.45 -22.20
C LYS B 225 -7.98 22.28 -21.09
N GLY B 226 -8.90 21.70 -20.30
CA GLY B 226 -9.49 22.44 -19.21
C GLY B 226 -8.46 22.78 -18.13
N ILE B 227 -7.59 21.84 -17.84
CA ILE B 227 -6.53 22.05 -16.85
C ILE B 227 -5.67 23.23 -17.24
N ASN B 228 -5.37 23.40 -18.53
CA ASN B 228 -4.45 24.49 -18.91
C ASN B 228 -5.14 25.87 -18.77
N ILE B 229 -6.45 25.92 -19.00
CA ILE B 229 -7.22 27.12 -18.74
C ILE B 229 -7.19 27.47 -17.23
N ILE B 230 -7.50 26.49 -16.39
CA ILE B 230 -7.53 26.66 -14.93
C ILE B 230 -6.16 27.12 -14.36
N TYR B 231 -5.12 26.49 -14.85
CA TYR B 231 -3.74 26.82 -14.42
C TYR B 231 -3.41 28.28 -14.66
N ASN B 232 -3.74 28.81 -15.86
CA ASN B 232 -3.47 30.20 -16.12
CA ASN B 232 -3.52 30.22 -16.16
C ASN B 232 -4.27 31.11 -15.17
N LEU B 233 -5.50 30.72 -14.83
CA LEU B 233 -6.28 31.47 -13.83
C LEU B 233 -5.60 31.39 -12.46
N GLU B 234 -5.06 30.22 -12.12
CA GLU B 234 -4.35 30.09 -10.87
C GLU B 234 -3.14 31.02 -10.80
N ARG B 235 -2.35 31.05 -11.88
CA ARG B 235 -1.15 31.87 -11.92
C ARG B 235 -1.54 33.35 -11.82
N GLU B 236 -2.58 33.72 -12.56
CA GLU B 236 -3.00 35.12 -12.59
C GLU B 236 -3.53 35.56 -11.25
N ALA B 237 -4.19 34.65 -10.52
CA ALA B 237 -4.75 34.96 -9.19
C ALA B 237 -3.64 35.23 -8.16
N LEU B 238 -2.61 34.40 -8.19
CA LEU B 238 -1.41 34.58 -7.33
C LEU B 238 -0.65 35.86 -7.59
N LYS B 239 -0.60 36.27 -8.86
CA LYS B 239 0.11 37.47 -9.24
C LYS B 239 -0.72 38.73 -8.99
N SER B 240 -2.04 38.61 -8.90
CA SER B 240 -2.89 39.81 -8.98
C SER B 240 -2.63 40.81 -7.87
N LYS B 241 -2.33 40.35 -6.66
CA LYS B 241 -2.10 41.32 -5.60
C LYS B 241 -0.80 42.10 -5.79
N TYR B 242 0.09 41.63 -6.65
CA TYR B 242 1.34 42.32 -6.95
C TYR B 242 1.28 43.10 -8.28
N VAL B 243 0.36 42.71 -9.16
CA VAL B 243 0.34 43.19 -10.57
C VAL B 243 -0.74 44.25 -10.79
N SER C 8 22.90 -41.20 39.40
CA SER C 8 21.49 -41.11 38.92
C SER C 8 21.32 -40.03 37.83
N GLN C 9 21.93 -40.28 36.67
CA GLN C 9 21.93 -39.34 35.53
C GLN C 9 21.59 -40.02 34.22
N GLU C 10 20.77 -39.36 33.40
CA GLU C 10 20.48 -39.89 32.07
C GLU C 10 19.93 -38.85 31.09
N ILE C 11 20.41 -38.94 29.86
CA ILE C 11 19.83 -38.22 28.75
C ILE C 11 18.69 -39.11 28.24
N VAL C 12 17.55 -38.49 27.98
CA VAL C 12 16.32 -39.22 27.63
C VAL C 12 16.26 -39.53 26.12
N LEU C 13 16.89 -38.69 25.32
CA LEU C 13 16.70 -38.73 23.87
C LEU C 13 18.00 -39.06 23.18
N GLN C 14 17.89 -39.70 22.00
CA GLN C 14 19.08 -39.95 21.18
C GLN C 14 19.60 -38.58 20.74
N PRO C 15 20.91 -38.48 20.54
CA PRO C 15 21.45 -37.30 19.90
C PRO C 15 20.85 -37.06 18.52
N ARG C 16 20.81 -35.79 18.14
CA ARG C 16 20.25 -35.34 16.86
C ARG C 16 18.75 -35.57 16.77
N SER C 17 18.10 -35.72 17.92
CA SER C 17 16.64 -35.84 17.99
C SER C 17 16.05 -34.47 17.69
N ILE C 18 14.97 -34.44 16.92
CA ILE C 18 14.14 -33.25 16.77
C ILE C 18 13.37 -33.01 18.06
N VAL C 19 13.43 -31.79 18.55
CA VAL C 19 12.94 -31.43 19.85
C VAL C 19 11.98 -30.23 19.70
N VAL C 20 11.06 -30.11 20.66
CA VAL C 20 9.92 -29.17 20.56
C VAL C 20 9.79 -28.61 21.96
N PRO C 21 9.15 -27.43 22.12
CA PRO C 21 9.05 -26.86 23.48
C PRO C 21 8.38 -27.74 24.52
N GLY C 22 8.94 -27.77 25.73
CA GLY C 22 8.47 -28.68 26.76
C GLY C 22 8.94 -30.12 26.70
N GLU C 23 9.78 -30.47 25.73
CA GLU C 23 10.19 -31.85 25.58
C GLU C 23 11.34 -32.17 26.57
N LEU C 24 11.17 -33.26 27.32
CA LEU C 24 12.13 -33.64 28.36
CA LEU C 24 12.13 -33.66 28.36
C LEU C 24 13.40 -34.15 27.66
N LEU C 25 14.54 -33.54 27.99
CA LEU C 25 15.83 -33.89 27.37
C LEU C 25 16.65 -34.79 28.27
N ALA C 26 16.66 -34.45 29.58
CA ALA C 26 17.54 -35.08 30.58
C ALA C 26 16.95 -35.02 31.99
N GLU C 27 17.27 -36.04 32.78
CA GLU C 27 16.99 -36.07 34.20
C GLU C 27 18.30 -36.31 34.96
N GLY C 28 18.49 -35.59 36.06
CA GLY C 28 19.66 -35.73 36.89
C GLY C 28 20.34 -34.40 37.07
N GLU C 29 21.50 -34.44 37.71
CA GLU C 29 22.28 -33.23 37.97
C GLU C 29 23.38 -33.13 36.92
N PHE C 30 23.23 -32.19 36.00
CA PHE C 30 24.31 -31.90 35.05
C PHE C 30 24.84 -30.52 35.42
N GLN C 31 25.99 -30.13 34.88
CA GLN C 31 26.53 -28.80 35.15
C GLN C 31 26.65 -28.02 33.85
N ILE C 32 25.49 -27.75 33.26
CA ILE C 32 25.41 -27.14 31.93
C ILE C 32 25.37 -25.62 32.04
N PRO C 33 26.15 -24.92 31.20
CA PRO C 33 25.95 -23.48 31.16
C PRO C 33 24.52 -23.19 30.79
N TRP C 34 23.94 -22.19 31.44
CA TRP C 34 22.58 -21.75 31.14
C TRP C 34 22.48 -21.46 29.67
N SER C 35 21.33 -21.79 29.08
CA SER C 35 21.06 -21.55 27.67
C SER C 35 19.59 -21.18 27.50
N PRO C 36 19.29 -20.25 26.57
CA PRO C 36 17.87 -19.91 26.34
C PRO C 36 17.05 -21.07 25.80
N TYR C 37 17.72 -22.06 25.22
CA TYR C 37 17.04 -23.19 24.58
C TYR C 37 16.73 -24.33 25.52
N ILE C 38 17.20 -24.25 26.77
CA ILE C 38 16.96 -25.32 27.75
C ILE C 38 16.50 -24.73 29.07
N LEU C 39 15.43 -25.30 29.59
CA LEU C 39 14.93 -24.88 30.86
C LEU C 39 15.16 -26.03 31.84
N LYS C 40 15.78 -25.68 32.97
CA LYS C 40 16.02 -26.60 34.07
C LYS C 40 14.91 -26.35 35.10
N ILE C 41 14.23 -27.41 35.52
CA ILE C 41 13.28 -27.33 36.60
C ILE C 41 13.72 -28.42 37.57
N ASN C 42 14.26 -28.00 38.72
CA ASN C 42 14.89 -28.94 39.63
C ASN C 42 15.83 -29.90 38.86
N SER C 43 15.62 -31.22 38.93
CA SER C 43 16.55 -32.14 38.27
C SER C 43 16.08 -32.63 36.87
N LYS C 44 15.25 -31.83 36.20
CA LYS C 44 14.81 -32.15 34.85
CA LYS C 44 14.80 -32.13 34.84
C LYS C 44 15.09 -30.97 33.90
N TYR C 45 15.45 -31.28 32.65
CA TYR C 45 15.80 -30.28 31.66
C TYR C 45 14.89 -30.39 30.44
N TYR C 46 14.39 -29.27 29.97
CA TYR C 46 13.42 -29.27 28.89
C TYR C 46 13.89 -28.37 27.74
N SER C 47 13.62 -28.76 26.50
CA SER C 47 13.78 -27.85 25.37
C SER C 47 12.75 -26.73 25.51
N THR C 48 13.14 -25.52 25.10
CA THR C 48 12.23 -24.39 25.09
C THR C 48 11.83 -24.01 23.64
N VAL C 49 12.40 -24.74 22.68
CA VAL C 49 12.25 -24.39 21.26
C VAL C 49 12.12 -25.63 20.38
N VAL C 50 11.67 -25.38 19.15
CA VAL C 50 11.77 -26.35 18.10
C VAL C 50 13.26 -26.41 17.71
N GLY C 51 13.85 -27.60 17.77
CA GLY C 51 15.32 -27.69 17.65
C GLY C 51 15.86 -29.09 17.48
N LEU C 52 17.19 -29.17 17.50
CA LEU C 52 17.90 -30.43 17.37
CA LEU C 52 17.90 -30.43 17.38
C LEU C 52 18.69 -30.64 18.66
N PHE C 53 18.41 -31.74 19.35
CA PHE C 53 19.10 -32.04 20.58
C PHE C 53 20.46 -32.60 20.21
N ASP C 54 21.51 -32.03 20.79
CA ASP C 54 22.85 -32.45 20.48
C ASP C 54 23.63 -32.63 21.79
N VAL C 55 24.36 -33.73 21.86
CA VAL C 55 25.18 -34.02 23.02
C VAL C 55 26.64 -33.92 22.60
N LYS C 56 27.34 -32.94 23.15
CA LYS C 56 28.78 -32.82 23.01
C LYS C 56 29.36 -33.26 24.37
N ASP C 57 30.10 -34.37 24.35
CA ASP C 57 30.68 -34.94 25.58
CA ASP C 57 30.68 -34.96 25.57
C ASP C 57 29.60 -35.15 26.64
N THR C 58 29.96 -35.01 27.92
CA THR C 58 29.02 -35.07 29.06
C THR C 58 27.99 -33.92 29.09
N GLN C 59 28.04 -33.02 28.10
CA GLN C 59 27.16 -31.86 28.09
C GLN C 59 26.21 -31.90 26.89
N PHE C 60 25.03 -31.34 27.07
CA PHE C 60 24.08 -31.33 25.99
C PHE C 60 23.58 -29.94 25.68
N GLU C 61 23.04 -29.80 24.49
CA GLU C 61 22.51 -28.53 24.03
C GLU C 61 21.32 -28.79 23.10
N VAL C 62 20.59 -27.72 22.85
CA VAL C 62 19.54 -27.74 21.86
C VAL C 62 19.92 -26.72 20.79
N ILE C 63 19.91 -27.17 19.53
CA ILE C 63 20.18 -26.29 18.41
C ILE C 63 18.83 -25.81 17.83
N PRO C 64 18.52 -24.52 18.00
CA PRO C 64 17.26 -23.98 17.50
C PRO C 64 17.15 -24.13 15.98
N LEU C 65 15.96 -24.54 15.51
CA LEU C 65 15.67 -24.64 14.08
C LEU C 65 14.78 -23.51 13.56
N GLU C 66 14.28 -22.69 14.48
CA GLU C 66 13.34 -21.61 14.14
C GLU C 66 13.86 -20.32 14.73
N GLY C 67 13.40 -19.19 14.22
CA GLY C 67 13.77 -17.89 14.75
C GLY C 67 14.40 -17.02 13.68
N SER C 68 13.91 -15.80 13.57
CA SER C 68 14.40 -14.83 12.57
C SER C 68 15.14 -13.69 13.22
N PHE C 69 15.31 -13.76 14.54
CA PHE C 69 16.00 -12.72 15.29
C PHE C 69 17.41 -13.16 15.71
N TYR C 70 18.30 -12.18 15.79
CA TYR C 70 19.66 -12.37 16.21
C TYR C 70 19.71 -11.84 17.65
N TYR C 71 20.30 -12.59 18.56
CA TYR C 71 20.51 -12.07 19.92
C TYR C 71 21.93 -11.48 20.02
N PRO C 72 22.02 -10.18 20.33
CA PRO C 72 23.32 -9.54 20.37
C PRO C 72 24.30 -10.20 21.34
N LYS C 73 25.57 -10.23 20.91
CA LYS C 73 26.66 -10.75 21.69
C LYS C 73 27.79 -9.74 21.52
N ILE C 74 28.42 -9.33 22.63
CA ILE C 74 29.56 -8.43 22.51
C ILE C 74 30.63 -9.08 21.63
N ASN C 75 31.33 -8.24 20.88
CA ASN C 75 32.40 -8.65 19.97
C ASN C 75 31.96 -9.38 18.69
N ASP C 76 30.68 -9.68 18.55
CA ASP C 76 30.15 -10.21 17.27
C ASP C 76 30.29 -9.18 16.15
N ILE C 77 30.50 -9.70 14.94
CA ILE C 77 30.55 -8.91 13.72
C ILE C 77 29.19 -9.01 13.06
N VAL C 78 28.56 -7.86 12.83
CA VAL C 78 27.25 -7.82 12.18
C VAL C 78 27.27 -6.93 10.94
N ILE C 79 26.32 -7.20 10.05
CA ILE C 79 25.94 -6.31 8.99
C ILE C 79 24.66 -5.61 9.41
N GLY C 80 24.73 -4.30 9.65
CA GLY C 80 23.57 -3.50 10.00
C GLY C 80 23.04 -2.72 8.80
N LEU C 81 21.80 -2.23 8.93
CA LEU C 81 21.19 -1.34 7.94
C LEU C 81 20.87 -0.04 8.68
N VAL C 82 21.42 1.08 8.22
CA VAL C 82 21.20 2.37 8.88
C VAL C 82 19.76 2.82 8.69
N GLU C 83 19.10 3.17 9.80
CA GLU C 83 17.67 3.52 9.82
C GLU C 83 17.39 4.97 10.24
N ASP C 84 18.32 5.59 10.96
CA ASP C 84 18.17 7.00 11.30
C ASP C 84 19.53 7.61 11.48
N VAL C 85 19.60 8.92 11.21
CA VAL C 85 20.74 9.73 11.55
C VAL C 85 20.31 10.65 12.67
N GLU C 86 20.94 10.51 13.84
CA GLU C 86 20.67 11.39 14.97
C GLU C 86 21.78 12.43 15.10
N ILE C 87 21.67 13.28 16.12
CA ILE C 87 22.62 14.38 16.36
C ILE C 87 24.05 13.84 16.47
N TYR C 88 24.22 12.80 17.28
CA TYR C 88 25.55 12.30 17.68
C TYR C 88 25.88 10.90 17.14
N GLY C 89 25.08 10.40 16.20
CA GLY C 89 25.32 9.07 15.65
C GLY C 89 24.14 8.50 14.89
N TRP C 90 24.24 7.19 14.56
CA TRP C 90 23.25 6.47 13.75
C TRP C 90 22.56 5.34 14.45
N VAL C 91 21.24 5.23 14.24
CA VAL C 91 20.48 4.05 14.63
C VAL C 91 20.59 3.01 13.52
N VAL C 92 20.98 1.78 13.89
CA VAL C 92 21.26 0.72 12.91
C VAL C 92 20.42 -0.53 13.20
N ASP C 93 19.74 -1.05 12.17
CA ASP C 93 19.01 -2.30 12.27
C ASP C 93 19.98 -3.45 12.07
N ILE C 94 20.17 -4.25 13.12
CA ILE C 94 21.03 -5.43 13.04
C ILE C 94 20.25 -6.72 13.20
N LYS C 95 18.95 -6.64 12.91
CA LYS C 95 18.09 -7.81 12.81
C LYS C 95 17.86 -8.49 14.18
N ALA C 96 18.05 -7.69 15.24
CA ALA C 96 17.86 -8.14 16.61
C ALA C 96 16.55 -7.62 17.14
N PRO C 97 16.14 -8.11 18.34
CA PRO C 97 15.04 -7.46 19.05
C PRO C 97 15.35 -6.03 19.50
N TYR C 98 16.61 -5.61 19.40
CA TYR C 98 17.01 -4.29 19.83
C TYR C 98 17.72 -3.59 18.69
N LYS C 99 17.46 -2.30 18.49
CA LYS C 99 18.20 -1.51 17.49
C LYS C 99 19.57 -1.20 18.04
N ALA C 100 20.55 -1.18 17.14
CA ALA C 100 21.94 -0.90 17.46
C ALA C 100 22.22 0.59 17.24
N TYR C 101 23.29 1.09 17.86
CA TYR C 101 23.68 2.50 17.70
C TYR C 101 25.17 2.60 17.41
N LEU C 102 25.53 3.41 16.40
CA LEU C 102 26.92 3.68 16.04
C LEU C 102 27.21 5.14 16.36
N PRO C 103 28.10 5.40 17.35
CA PRO C 103 28.39 6.79 17.67
C PRO C 103 29.16 7.48 16.54
N ALA C 104 28.78 8.72 16.24
CA ALA C 104 29.54 9.54 15.31
C ALA C 104 31.04 9.58 15.65
N SER C 105 31.35 9.61 16.95
CA SER C 105 32.75 9.71 17.41
C SER C 105 33.58 8.47 17.11
N ASN C 106 32.97 7.29 17.20
CA ASN C 106 33.62 6.05 16.79
C ASN C 106 34.03 6.06 15.32
N LEU C 107 33.12 6.45 14.43
CA LEU C 107 33.41 6.41 12.99
C LEU C 107 34.46 7.49 12.61
N LEU C 108 34.33 8.67 13.20
CA LEU C 108 35.15 9.82 12.82
C LEU C 108 36.54 9.85 13.50
N GLY C 109 36.68 9.16 14.63
CA GLY C 109 37.93 9.21 15.41
C GLY C 109 38.09 10.53 16.16
N ARG C 110 37.04 11.35 16.14
CA ARG C 110 37.00 12.65 16.81
C ARG C 110 35.56 13.03 17.11
N SER C 111 35.37 14.10 17.88
CA SER C 111 34.02 14.62 18.13
C SER C 111 33.45 15.35 16.89
N ILE C 112 32.11 15.31 16.78
CA ILE C 112 31.35 16.02 15.74
C ILE C 112 31.69 17.50 15.63
N ASN C 113 32.05 17.95 14.42
CA ASN C 113 32.33 19.37 14.18
C ASN C 113 31.07 20.20 14.00
N VAL C 114 31.18 21.49 14.27
CA VAL C 114 30.09 22.45 14.03
C VAL C 114 29.61 22.39 12.57
N GLY C 115 28.32 22.17 12.39
CA GLY C 115 27.67 22.24 11.06
C GLY C 115 27.89 21.04 10.15
N GLU C 116 28.40 19.96 10.72
CA GLU C 116 28.82 18.79 9.96
C GLU C 116 27.66 17.81 9.70
N ARG C 119 25.16 12.68 7.21
CA ARG C 119 24.75 11.77 6.15
C ARG C 119 25.81 11.62 5.05
N ARG C 120 26.91 12.36 5.17
CA ARG C 120 28.07 12.22 4.27
C ARG C 120 28.75 10.84 4.38
N TYR C 121 28.77 10.26 5.58
CA TYR C 121 29.47 8.99 5.82
C TYR C 121 28.51 7.80 5.81
N LEU C 122 27.39 7.93 6.51
CA LEU C 122 26.32 6.93 6.50
C LEU C 122 24.97 7.64 6.54
N ASP C 123 24.09 7.35 5.61
CA ASP C 123 22.72 7.87 5.72
C ASP C 123 21.72 6.73 5.68
N VAL C 124 20.44 7.05 5.87
CA VAL C 124 19.40 6.04 5.89
C VAL C 124 19.54 5.15 4.65
N GLY C 125 19.53 3.82 4.84
CA GLY C 125 19.58 2.88 3.71
C GLY C 125 20.93 2.24 3.43
N ASP C 126 22.02 2.88 3.86
CA ASP C 126 23.35 2.26 3.84
C ASP C 126 23.41 0.98 4.68
N TYR C 127 24.08 -0.05 4.15
CA TYR C 127 24.61 -1.14 4.97
C TYR C 127 25.94 -0.77 5.60
N VAL C 128 26.16 -1.21 6.83
CA VAL C 128 27.43 -0.98 7.53
C VAL C 128 27.85 -2.24 8.24
N ILE C 129 29.11 -2.62 8.06
CA ILE C 129 29.68 -3.78 8.76
C ILE C 129 30.38 -3.29 10.01
N ALA C 130 29.94 -3.83 11.15
CA ALA C 130 30.38 -3.34 12.45
C ALA C 130 30.50 -4.46 13.48
N ARG C 131 31.34 -4.22 14.49
CA ARG C 131 31.46 -5.09 15.65
C ARG C 131 30.58 -4.52 16.77
N ILE C 132 29.95 -5.41 17.54
CA ILE C 132 29.18 -5.01 18.71
C ILE C 132 30.14 -4.71 19.87
N GLU C 133 30.19 -3.45 20.31
CA GLU C 133 31.17 -2.99 21.31
C GLU C 133 30.64 -3.07 22.73
N ASN C 134 29.39 -2.64 22.91
CA ASN C 134 28.74 -2.77 24.21
C ASN C 134 27.37 -3.40 24.03
N PHE C 135 27.03 -4.26 24.99
CA PHE C 135 25.70 -4.83 25.10
C PHE C 135 25.58 -5.56 26.44
N ASP C 136 24.41 -5.46 27.06
CA ASP C 136 24.02 -6.29 28.18
C ASP C 136 22.50 -6.15 28.31
N ARG C 137 21.93 -6.91 29.23
CA ARG C 137 20.47 -6.97 29.39
CA ARG C 137 20.47 -6.97 29.43
C ARG C 137 19.85 -5.58 29.63
N SER C 138 20.65 -4.62 30.10
CA SER C 138 20.19 -3.24 30.43
C SER C 138 20.23 -2.24 29.27
N ILE C 139 20.88 -2.59 28.16
CA ILE C 139 21.11 -1.60 27.09
C ILE C 139 21.06 -2.20 25.68
N ASP C 140 20.75 -1.34 24.71
CA ASP C 140 20.77 -1.69 23.29
C ASP C 140 22.22 -1.77 22.81
N PRO C 141 22.47 -2.52 21.72
CA PRO C 141 23.88 -2.73 21.36
C PRO C 141 24.53 -1.47 20.83
N VAL C 142 25.77 -1.21 21.26
CA VAL C 142 26.57 -0.14 20.70
C VAL C 142 27.55 -0.73 19.68
N LEU C 143 27.66 -0.05 18.54
CA LEU C 143 28.45 -0.55 17.42
C LEU C 143 29.77 0.17 17.32
N SER C 144 30.75 -0.53 16.78
CA SER C 144 32.02 0.07 16.40
C SER C 144 32.39 -0.30 14.96
N VAL C 145 33.04 0.63 14.26
CA VAL C 145 33.60 0.36 12.94
C VAL C 145 35.12 0.53 12.93
N LYS C 146 35.77 0.15 14.03
CA LYS C 146 37.21 0.31 14.20
C LYS C 146 38.02 -0.68 13.36
N GLY C 147 37.71 -1.97 13.46
CA GLY C 147 38.41 -3.04 12.71
C GLY C 147 38.58 -2.83 11.21
N LYS C 148 39.45 -3.63 10.58
CA LYS C 148 39.62 -3.56 9.11
C LYS C 148 38.43 -4.21 8.40
N ASP C 149 38.12 -3.71 7.21
CA ASP C 149 36.96 -4.20 6.44
C ASP C 149 35.61 -4.00 7.16
N LEU C 150 35.61 -3.25 8.27
CA LEU C 150 34.39 -2.73 8.87
C LEU C 150 34.11 -1.35 8.27
N GLY C 151 32.82 -1.03 8.22
CA GLY C 151 32.35 0.24 7.67
C GLY C 151 31.27 0.06 6.63
N ARG C 152 31.03 1.12 5.87
CA ARG C 152 30.02 1.17 4.83
C ARG C 152 30.32 0.18 3.72
N VAL C 153 29.29 -0.52 3.24
CA VAL C 153 29.42 -1.44 2.13
C VAL C 153 29.09 -0.72 0.83
N SER C 154 30.07 -0.59 -0.04
CA SER C 154 29.83 0.03 -1.33
C SER C 154 29.18 -0.99 -2.25
N ASN C 155 29.98 -1.90 -2.79
CA ASN C 155 29.56 -2.85 -3.83
C ASN C 155 28.91 -4.12 -3.28
N GLY C 156 28.49 -5.00 -4.18
CA GLY C 156 28.05 -6.35 -3.81
C GLY C 156 26.58 -6.40 -3.43
N ILE C 157 26.20 -7.47 -2.73
CA ILE C 157 24.84 -7.63 -2.22
C ILE C 157 24.88 -8.09 -0.75
N VAL C 158 23.71 -8.13 -0.12
CA VAL C 158 23.61 -8.64 1.25
C VAL C 158 22.41 -9.55 1.35
N ILE C 159 22.66 -10.83 1.58
CA ILE C 159 21.63 -11.85 1.62
C ILE C 159 21.26 -12.12 3.07
N ASP C 160 19.95 -12.16 3.34
CA ASP C 160 19.43 -12.45 4.67
C ASP C 160 19.14 -13.93 4.86
N ILE C 161 19.54 -14.44 6.02
CA ILE C 161 19.10 -15.76 6.48
C ILE C 161 18.66 -15.71 7.95
N MET C 162 17.88 -16.71 8.36
CA MET C 162 17.68 -16.97 9.78
C MET C 162 19.03 -16.98 10.50
N PRO C 163 19.19 -16.16 11.55
CA PRO C 163 20.45 -16.19 12.31
C PRO C 163 20.83 -17.57 12.92
N VAL C 164 19.85 -18.33 13.38
CA VAL C 164 20.09 -19.70 13.88
C VAL C 164 20.78 -20.60 12.83
N LYS C 165 20.82 -20.17 11.57
CA LYS C 165 21.43 -20.93 10.47
C LYS C 165 22.91 -20.65 10.24
N VAL C 166 23.41 -19.54 10.80
CA VAL C 166 24.80 -19.07 10.55
C VAL C 166 25.88 -20.13 10.79
N PRO C 167 25.80 -20.86 11.91
CA PRO C 167 26.76 -21.95 12.09
C PRO C 167 26.68 -23.03 11.00
N ARG C 168 25.51 -23.26 10.41
CA ARG C 168 25.38 -24.23 9.32
C ARG C 168 25.90 -23.72 7.96
N VAL C 169 25.79 -22.41 7.72
CA VAL C 169 26.35 -21.79 6.49
C VAL C 169 27.88 -21.78 6.52
N ILE C 170 28.45 -21.87 7.73
CA ILE C 170 29.90 -21.90 7.91
C ILE C 170 30.37 -23.35 7.94
N GLY C 171 29.76 -24.16 8.81
CA GLY C 171 29.96 -25.60 8.80
C GLY C 171 31.29 -26.07 9.36
N ASN C 173 34.20 -26.83 10.45
CA ASN C 173 35.52 -26.28 10.21
C ASN C 173 35.51 -25.41 8.96
N LYS C 174 34.58 -24.46 8.93
CA LYS C 174 34.37 -23.55 7.79
C LYS C 174 34.23 -24.29 6.44
N SER C 175 33.75 -25.53 6.49
CA SER C 175 33.59 -26.40 5.31
C SER C 175 32.60 -25.81 4.28
N MET C 176 31.41 -25.40 4.75
CA MET C 176 30.40 -24.78 3.89
C MET C 176 30.80 -23.40 3.35
N TYR C 177 31.51 -22.62 4.16
CA TYR C 177 32.05 -21.34 3.68
C TYR C 177 32.84 -21.57 2.40
N GLU C 178 33.62 -22.65 2.38
CA GLU C 178 34.51 -22.99 1.26
C GLU C 178 33.74 -23.50 0.03
N THR C 179 32.69 -24.29 0.25
CA THR C 179 31.91 -24.86 -0.86
C THR C 179 31.18 -23.79 -1.65
N LEU C 180 30.62 -22.81 -0.94
CA LEU C 180 29.93 -21.69 -1.56
C LEU C 180 30.89 -20.88 -2.44
N THR C 181 32.01 -20.46 -1.86
CA THR C 181 33.02 -19.66 -2.57
C THR C 181 33.70 -20.38 -3.74
N SER C 182 33.46 -21.68 -3.88
CA SER C 182 33.89 -22.44 -5.06
C SER C 182 32.97 -22.22 -6.26
N LYS C 183 31.78 -21.69 -5.99
CA LYS C 183 30.80 -21.37 -7.04
C LYS C 183 31.31 -20.26 -7.99
N CYS C 186 33.23 -16.47 -6.68
CA CYS C 186 32.21 -15.78 -5.86
C CYS C 186 32.67 -15.64 -4.41
N SER C 187 32.66 -14.40 -3.92
CA SER C 187 33.24 -14.04 -2.61
C SER C 187 32.19 -13.58 -1.61
N ILE C 188 32.14 -14.24 -0.45
CA ILE C 188 31.09 -14.03 0.56
C ILE C 188 31.63 -13.91 2.01
N PHE C 189 30.97 -13.08 2.82
CA PHE C 189 31.29 -13.00 4.24
C PHE C 189 30.02 -13.30 5.03
N VAL C 190 30.15 -14.17 6.03
CA VAL C 190 29.00 -14.65 6.80
C VAL C 190 28.98 -14.03 8.19
N ALA C 191 28.13 -13.00 8.34
CA ALA C 191 27.99 -12.27 9.60
C ALA C 191 27.23 -13.08 10.66
N ASN C 192 27.44 -12.69 11.91
CA ASN C 192 26.79 -13.36 13.05
C ASN C 192 25.27 -13.14 13.09
N ASN C 193 24.79 -12.07 12.48
CA ASN C 193 23.36 -11.73 12.55
C ASN C 193 22.56 -12.19 11.32
N GLY C 194 22.99 -13.26 10.68
CA GLY C 194 22.23 -13.85 9.61
C GLY C 194 22.15 -12.97 8.37
N ARG C 195 23.21 -12.22 8.12
CA ARG C 195 23.33 -11.49 6.87
C ARG C 195 24.68 -11.83 6.25
N ILE C 196 24.68 -11.94 4.93
CA ILE C 196 25.85 -12.42 4.18
C ILE C 196 26.25 -11.45 3.06
N TRP C 197 27.34 -10.73 3.24
CA TRP C 197 27.93 -9.90 2.18
C TRP C 197 28.46 -10.80 1.10
N ALA C 198 28.23 -10.45 -0.16
CA ALA C 198 28.67 -11.25 -1.28
C ALA C 198 29.12 -10.41 -2.48
N SER C 202 29.11 -13.72 -12.07
CA SER C 202 28.57 -12.37 -12.17
C SER C 202 27.12 -12.31 -11.71
N ARG C 203 26.23 -11.67 -12.48
CA ARG C 203 24.80 -11.68 -12.18
C ARG C 203 24.26 -13.10 -12.25
N PHE C 204 24.89 -13.95 -13.06
CA PHE C 204 24.57 -15.38 -13.10
C PHE C 204 25.03 -16.06 -11.81
N SER C 205 26.28 -15.84 -11.45
CA SER C 205 26.85 -16.41 -10.23
C SER C 205 26.23 -15.79 -8.97
N GLU C 206 25.53 -14.66 -9.11
CA GLU C 206 24.74 -14.10 -8.03
C GLU C 206 23.69 -15.10 -7.53
N GLU C 207 23.36 -16.09 -8.35
CA GLU C 207 22.56 -17.23 -7.89
C GLU C 207 23.36 -18.18 -7.00
N ILE C 208 24.01 -17.62 -5.98
CA ILE C 208 24.45 -18.36 -4.79
C ILE C 208 23.31 -18.37 -3.80
N LEU C 209 22.40 -17.41 -3.95
CA LEU C 209 21.20 -17.30 -3.10
C LEU C 209 20.27 -18.51 -3.24
N ILE C 210 20.36 -19.18 -4.39
CA ILE C 210 19.70 -20.48 -4.58
C ILE C 210 20.28 -21.50 -3.59
N GLU C 211 21.60 -21.45 -3.40
CA GLU C 211 22.30 -22.31 -2.44
C GLU C 211 21.98 -21.93 -0.99
N ALA C 212 22.16 -20.65 -0.66
CA ALA C 212 21.79 -20.16 0.69
C ALA C 212 20.41 -20.69 1.12
N ILE C 213 19.39 -20.42 0.31
CA ILE C 213 18.02 -20.87 0.60
C ILE C 213 17.93 -22.39 0.80
N ARG C 214 18.89 -23.13 0.23
CA ARG C 214 18.99 -24.58 0.44
C ARG C 214 19.59 -24.92 1.81
N LYS C 215 20.56 -24.15 2.28
CA LYS C 215 21.12 -24.37 3.63
C LYS C 215 20.06 -24.13 4.73
N ILE C 216 19.14 -23.20 4.46
CA ILE C 216 18.09 -22.81 5.42
C ILE C 216 16.87 -23.73 5.40
N GLU C 217 16.70 -24.51 4.33
CA GLU C 217 15.55 -25.41 4.24
C GLU C 217 15.94 -26.89 4.07
N ASN C 218 17.22 -27.23 4.20
CA ASN C 218 17.66 -28.63 4.17
C ASN C 218 18.66 -29.03 5.27
N GLU C 219 18.81 -28.22 6.31
CA GLU C 219 19.81 -28.45 7.37
C GLU C 219 19.49 -29.66 8.23
OH2 1PE D . 0.49 -20.81 0.65
C12 1PE D . 1.74 -21.05 -0.03
C22 1PE D . 1.67 -20.81 -1.55
OH3 1PE D . 0.56 -21.45 -2.18
C13 1PE D . -0.78 -23.35 -2.81
C23 1PE D . 0.38 -22.86 -1.96
OH4 1PE D . -2.00 -23.45 -2.05
C14 1PE D . -4.32 -24.21 -1.97
C24 1PE D . -2.96 -24.30 -2.67
OH5 1PE D . -4.16 -23.85 -0.60
C15 1PE D . -5.21 -23.55 1.55
C25 1PE D . -5.41 -23.70 0.06
OH6 1PE D . -4.23 -22.56 1.81
C16 1PE D . -2.62 -22.59 3.62
C26 1PE D . -4.05 -22.29 3.22
OH7 1PE D . -1.72 -21.56 3.16
C1 PEG E . -0.27 -19.28 -5.73
O1 PEG E . 0.62 -18.22 -5.31
C2 PEG E . 0.58 -20.46 -6.19
O2 PEG E . -0.06 -21.16 -7.26
P PO4 F . -16.53 15.21 -5.72
O1 PO4 F . -15.08 15.44 -5.92
O2 PO4 F . -16.63 13.94 -4.87
O3 PO4 F . -17.22 15.01 -7.13
O4 PO4 F . -17.33 16.36 -5.00
P PO4 G . -19.16 3.81 1.52
O1 PO4 G . -17.65 3.69 1.50
O2 PO4 G . -19.85 2.52 1.91
O3 PO4 G . -19.72 4.18 0.17
O4 PO4 G . -19.55 4.83 2.59
NA NA H . -7.35 9.69 5.18
#